data_3BOF
#
_entry.id   3BOF
#
_cell.length_a   59.067
_cell.length_b   86.308
_cell.length_c   125.879
_cell.angle_alpha   90.000
_cell.angle_beta   100.030
_cell.angle_gamma   90.000
#
_symmetry.space_group_name_H-M   'P 1 21 1'
#
loop_
_entity.id
_entity.type
_entity.pdbx_description
1 polymer '5-methyltetrahydrofolate S-homocysteine methyltransferase'
2 non-polymer 'ZINC ION'
3 non-polymer 'POTASSIUM ION'
4 non-polymer 'YTTRIUM (III) ION'
5 non-polymer '2-AMINO-4-MERCAPTO-BUTYRIC ACID'
6 water water
#
_entity_poly.entity_id   1
_entity_poly.type   'polypeptide(L)'
_entity_poly.pdbx_seq_one_letter_code
;MRNRREVSKLLSERVLLLDGAYGTEFMKYGYDDLPEELNIKAPDVVLKVHRSYIESGSDVILTNTFGATRMKLRKHGLED
KLDPIVRNAVRIARRAAGEKLVFGDIGPTGELPYPLGSTLFEEFYENFRETVEIMVEEGVDGIIFETFSDILELKAAVLA
AREVSRDVFLIAHMTFDEKGRSLTGTDPANFAITFDELDIDALGINCSLGPEEILPIFQELSQYTDKFLVVEPNAGKPIV
ENGKTVYPLKPHDFAVHIDSYYELGVNIFGGCCGTTPEHVKLFRKVLGNRKPLQRKKKRIFAVSSPSKLVTFDHFVVIGE
RINPAGRKKLWAEMQKGNEEIVIKEAKTQVEKGAEVLDVNFGIESQIDVRYVEKIVQTLPYVSNVPLSLDIQNVDLTERA
LRAYPGRSLFNSAKVDEEELEMKINLLKKYGGTLIVLLMGKDVPKSFEERKEYFEKALKILERHDFSDRVIFDPGVLPLG
AEGKPVEVLKTIEFISSKGFNTTVGLSNLSFGLPDRSYYNTAFLVLGISKGLSSAIMNPLDETLMKTLNATLVILEKKEL
PRAEVK
;
_entity_poly.pdbx_strand_id   A,B
#
loop_
_chem_comp.id
_chem_comp.type
_chem_comp.name
_chem_comp.formula
K non-polymer 'POTASSIUM ION' 'K 1'
YT3 non-polymer 'YTTRIUM (III) ION' 'Y 3'
ZN non-polymer 'ZINC ION' 'Zn 2'
#
# COMPACT_ATOMS: atom_id res chain seq x y z
N MET A 1 -38.89 9.66 -50.23
CA MET A 1 -37.81 9.64 -49.18
C MET A 1 -38.45 9.63 -47.80
N ARG A 2 -38.08 8.63 -47.02
CA ARG A 2 -38.44 8.51 -45.63
C ARG A 2 -37.23 8.95 -44.82
N ASN A 3 -37.46 9.67 -43.72
CA ASN A 3 -36.38 10.04 -42.82
C ASN A 3 -36.20 9.01 -41.70
N ARG A 4 -35.21 9.22 -40.84
CA ARG A 4 -34.84 8.26 -39.84
C ARG A 4 -35.93 8.01 -38.82
N ARG A 5 -36.74 9.04 -38.55
CA ARG A 5 -37.88 8.89 -37.64
C ARG A 5 -38.91 7.91 -38.21
N GLU A 6 -39.22 8.07 -39.50
CA GLU A 6 -40.16 7.17 -40.19
C GLU A 6 -39.62 5.75 -40.27
N VAL A 7 -38.37 5.61 -40.70
CA VAL A 7 -37.80 4.28 -40.80
C VAL A 7 -37.71 3.57 -39.45
N SER A 8 -37.30 4.29 -38.39
CA SER A 8 -37.25 3.72 -37.05
C SER A 8 -38.63 3.23 -36.59
N LYS A 9 -39.66 4.03 -36.85
CA LYS A 9 -41.04 3.68 -36.49
C LYS A 9 -41.42 2.36 -37.17
N LEU A 10 -41.14 2.27 -38.47
CA LEU A 10 -41.42 1.05 -39.25
C LEU A 10 -40.69 -0.15 -38.66
N LEU A 11 -39.39 0.01 -38.37
CA LEU A 11 -38.62 -1.08 -37.76
C LEU A 11 -39.14 -1.50 -36.38
N SER A 12 -39.61 -0.53 -35.60
CA SER A 12 -40.12 -0.83 -34.29
C SER A 12 -41.36 -1.74 -34.41
N GLU A 13 -42.04 -1.65 -35.55
CA GLU A 13 -43.28 -2.44 -35.78
C GLU A 13 -43.04 -3.79 -36.44
N ARG A 14 -42.00 -3.89 -37.27
CA ARG A 14 -41.86 -5.09 -38.09
C ARG A 14 -40.40 -5.32 -38.48
N VAL A 15 -39.97 -6.57 -38.37
CA VAL A 15 -38.65 -7.02 -38.87
C VAL A 15 -38.71 -7.00 -40.39
N LEU A 16 -37.74 -6.33 -41.03
CA LEU A 16 -37.78 -6.13 -42.47
C LEU A 16 -36.84 -7.08 -43.17
N LEU A 17 -37.19 -7.34 -44.42
CA LEU A 17 -36.38 -8.20 -45.30
C LEU A 17 -35.61 -7.37 -46.30
N LEU A 18 -34.28 -7.55 -46.30
CA LEU A 18 -33.43 -6.86 -47.27
C LEU A 18 -33.38 -7.72 -48.55
N ASP A 19 -32.42 -7.41 -49.41
CA ASP A 19 -32.29 -8.15 -50.67
C ASP A 19 -31.08 -9.10 -50.62
N GLY A 20 -30.81 -9.75 -51.76
CA GLY A 20 -29.63 -10.62 -51.83
C GLY A 20 -28.44 -9.89 -52.42
N ALA A 21 -27.60 -10.66 -53.07
CA ALA A 21 -26.39 -10.08 -53.70
C ALA A 21 -26.61 -9.47 -55.06
N TYR A 22 -25.72 -8.53 -55.41
CA TYR A 22 -25.72 -7.93 -56.72
C TYR A 22 -24.48 -8.36 -57.53
N GLY A 23 -23.31 -8.17 -56.93
CA GLY A 23 -22.03 -8.51 -57.63
C GLY A 23 -22.04 -9.95 -58.13
N THR A 24 -22.46 -10.87 -57.27
CA THR A 24 -22.53 -12.29 -57.66
C THR A 24 -23.73 -12.64 -58.56
N GLU A 25 -24.68 -11.73 -58.72
CA GLU A 25 -25.79 -11.96 -59.69
C GLU A 25 -25.46 -11.54 -61.12
N PHE A 26 -24.78 -10.41 -61.30
CA PHE A 26 -24.66 -9.85 -62.63
C PHE A 26 -24.05 -10.78 -63.70
N MET A 27 -23.08 -11.60 -63.29
CA MET A 27 -22.50 -12.57 -64.21
C MET A 27 -23.53 -13.51 -64.82
N LYS A 28 -24.54 -13.88 -64.03
CA LYS A 28 -25.56 -14.81 -64.50
C LYS A 28 -26.35 -14.23 -65.65
N TYR A 29 -26.34 -12.89 -65.79
CA TYR A 29 -27.02 -12.20 -66.87
C TYR A 29 -26.10 -11.88 -68.04
N GLY A 30 -24.84 -12.30 -67.97
CA GLY A 30 -23.87 -12.12 -69.04
C GLY A 30 -23.05 -10.85 -68.90
N TYR A 31 -23.09 -10.27 -67.70
CA TYR A 31 -22.36 -9.01 -67.42
C TYR A 31 -21.30 -9.16 -66.35
N ASP A 32 -20.03 -9.20 -66.74
CA ASP A 32 -18.94 -9.31 -65.76
C ASP A 32 -18.21 -7.97 -65.57
N ASP A 33 -18.83 -6.90 -66.05
CA ASP A 33 -18.32 -5.55 -65.84
C ASP A 33 -18.29 -5.22 -64.35
N LEU A 34 -17.47 -4.23 -63.99
CA LEU A 34 -17.59 -3.65 -62.65
C LEU A 34 -19.08 -3.32 -62.41
N PRO A 35 -19.68 -3.79 -61.28
CA PRO A 35 -21.13 -3.58 -61.08
C PRO A 35 -21.54 -2.11 -61.24
N GLU A 36 -20.75 -1.20 -60.71
CA GLU A 36 -21.16 0.21 -60.75
C GLU A 36 -21.21 0.78 -62.17
N GLU A 37 -20.40 0.21 -63.07
CA GLU A 37 -20.37 0.67 -64.45
C GLU A 37 -21.67 0.29 -65.14
N LEU A 38 -22.35 -0.75 -64.65
CA LEU A 38 -23.61 -1.16 -65.27
C LEU A 38 -24.67 -0.10 -65.17
N ASN A 39 -24.55 0.78 -64.19
CA ASN A 39 -25.54 1.84 -64.00
C ASN A 39 -25.56 2.77 -65.19
N ILE A 40 -24.45 2.78 -65.91
CA ILE A 40 -24.38 3.56 -67.14
C ILE A 40 -24.52 2.67 -68.39
N LYS A 41 -23.77 1.57 -68.41
CA LYS A 41 -23.62 0.70 -69.60
C LYS A 41 -24.84 -0.14 -69.91
N ALA A 42 -25.48 -0.62 -68.85
CA ALA A 42 -26.60 -1.54 -68.96
C ALA A 42 -27.56 -1.38 -67.79
N PRO A 43 -28.20 -0.20 -67.69
CA PRO A 43 -29.10 0.03 -66.58
C PRO A 43 -30.24 -0.98 -66.57
N ASP A 44 -30.58 -1.55 -67.73
CA ASP A 44 -31.59 -2.61 -67.76
C ASP A 44 -31.26 -3.83 -66.89
N VAL A 45 -29.99 -4.22 -66.82
CA VAL A 45 -29.57 -5.38 -66.03
C VAL A 45 -29.71 -5.05 -64.55
N VAL A 46 -29.34 -3.83 -64.20
CA VAL A 46 -29.43 -3.37 -62.82
C VAL A 46 -30.89 -3.40 -62.39
N LEU A 47 -31.77 -2.85 -63.23
CA LEU A 47 -33.21 -2.85 -62.96
C LEU A 47 -33.75 -4.28 -62.76
N LYS A 48 -33.36 -5.19 -63.64
CA LYS A 48 -33.80 -6.61 -63.53
C LYS A 48 -33.42 -7.25 -62.20
N VAL A 49 -32.19 -7.01 -61.76
CA VAL A 49 -31.71 -7.60 -60.51
C VAL A 49 -32.50 -7.04 -59.32
N HIS A 50 -32.68 -5.72 -59.27
CA HIS A 50 -33.49 -5.12 -58.22
C HIS A 50 -34.88 -5.76 -58.23
N ARG A 51 -35.47 -5.82 -59.42
CA ARG A 51 -36.84 -6.36 -59.53
C ARG A 51 -36.88 -7.80 -59.09
N SER A 52 -35.82 -8.57 -59.33
CA SER A 52 -35.78 -9.96 -58.89
C SER A 52 -35.95 -10.09 -57.36
N TYR A 53 -35.45 -9.10 -56.61
CA TYR A 53 -35.57 -9.11 -55.17
C TYR A 53 -36.90 -8.53 -54.73
N ILE A 54 -37.36 -7.48 -55.40
CA ILE A 54 -38.67 -6.86 -55.05
C ILE A 54 -39.73 -7.95 -55.25
N GLU A 55 -39.61 -8.68 -56.35
CA GLU A 55 -40.58 -9.76 -56.64
C GLU A 55 -40.41 -10.97 -55.73
N SER A 56 -39.29 -11.08 -55.01
CA SER A 56 -39.09 -12.13 -54.03
C SER A 56 -39.59 -11.75 -52.63
N GLY A 57 -40.05 -10.51 -52.49
CA GLY A 57 -40.59 -10.04 -51.23
C GLY A 57 -39.75 -9.06 -50.42
N SER A 58 -38.60 -8.63 -50.93
CA SER A 58 -37.81 -7.67 -50.15
C SER A 58 -38.58 -6.39 -49.82
N ASP A 59 -38.40 -5.93 -48.57
CA ASP A 59 -38.98 -4.67 -48.06
C ASP A 59 -38.02 -3.51 -48.32
N VAL A 60 -36.74 -3.83 -48.58
CA VAL A 60 -35.66 -2.86 -48.73
C VAL A 60 -34.73 -3.40 -49.81
N ILE A 61 -34.29 -2.51 -50.70
CA ILE A 61 -33.24 -2.85 -51.65
C ILE A 61 -32.08 -1.89 -51.52
N LEU A 62 -30.90 -2.37 -51.92
CA LEU A 62 -29.69 -1.58 -51.88
C LEU A 62 -29.40 -1.02 -53.25
N THR A 63 -28.91 0.22 -53.32
CA THR A 63 -28.53 0.79 -54.61
C THR A 63 -27.21 0.12 -55.07
N ASN A 64 -27.04 0.09 -56.37
CA ASN A 64 -25.90 -0.56 -57.01
C ASN A 64 -24.69 0.37 -56.99
N THR A 65 -24.24 0.65 -55.77
CA THR A 65 -23.23 1.68 -55.54
C THR A 65 -22.13 1.26 -54.58
N PHE A 66 -21.99 -0.05 -54.33
CA PHE A 66 -21.07 -0.55 -53.32
C PHE A 66 -19.67 0.04 -53.53
N GLY A 67 -19.21 0.08 -54.79
CA GLY A 67 -17.88 0.65 -55.06
C GLY A 67 -17.87 2.08 -55.62
N ALA A 68 -18.96 2.80 -55.43
CA ALA A 68 -19.17 4.11 -56.05
C ALA A 68 -18.70 5.24 -55.11
N THR A 69 -17.42 5.27 -54.80
CA THR A 69 -16.84 6.47 -54.19
C THR A 69 -15.63 6.85 -55.04
N ARG A 70 -15.25 8.13 -55.02
CA ARG A 70 -14.11 8.58 -55.80
C ARG A 70 -12.85 7.74 -55.63
N MET A 71 -12.51 7.42 -54.38
CA MET A 71 -11.27 6.69 -54.10
C MET A 71 -11.30 5.31 -54.72
N LYS A 72 -12.45 4.66 -54.72
CA LYS A 72 -12.52 3.33 -55.30
C LYS A 72 -12.66 3.39 -56.84
N LEU A 73 -13.49 4.31 -57.32
CA LEU A 73 -13.72 4.46 -58.75
C LEU A 73 -12.45 4.82 -59.49
N ARG A 74 -11.59 5.58 -58.82
CA ARG A 74 -10.29 6.00 -59.39
C ARG A 74 -9.41 4.81 -59.78
N LYS A 75 -9.54 3.71 -59.04
CA LYS A 75 -8.73 2.51 -59.27
C LYS A 75 -9.16 1.77 -60.53
N HIS A 76 -10.34 2.11 -61.03
CA HIS A 76 -10.92 1.48 -62.19
C HIS A 76 -11.10 2.45 -63.35
N GLY A 77 -10.46 3.63 -63.25
CA GLY A 77 -10.56 4.68 -64.28
C GLY A 77 -11.93 5.31 -64.49
N LEU A 78 -12.72 5.34 -63.41
CA LEU A 78 -14.10 5.81 -63.48
C LEU A 78 -14.39 6.95 -62.51
N GLU A 79 -13.37 7.57 -61.96
CA GLU A 79 -13.62 8.64 -60.98
C GLU A 79 -14.50 9.75 -61.57
N ASP A 80 -14.31 10.03 -62.86
CA ASP A 80 -15.07 11.12 -63.49
C ASP A 80 -16.51 10.76 -63.79
N LYS A 81 -16.91 9.53 -63.47
CA LYS A 81 -18.28 9.07 -63.65
C LYS A 81 -19.03 8.90 -62.33
N LEU A 82 -18.42 9.30 -61.22
CA LEU A 82 -19.12 9.25 -59.92
C LEU A 82 -20.56 9.74 -60.01
N ASP A 83 -20.76 10.94 -60.54
CA ASP A 83 -22.08 11.56 -60.50
C ASP A 83 -23.15 10.75 -61.26
N PRO A 84 -22.95 10.45 -62.57
CA PRO A 84 -23.93 9.61 -63.24
C PRO A 84 -24.06 8.19 -62.65
N ILE A 85 -22.95 7.60 -62.22
CA ILE A 85 -23.05 6.26 -61.60
C ILE A 85 -24.03 6.26 -60.43
N VAL A 86 -23.88 7.23 -59.52
CA VAL A 86 -24.66 7.21 -58.31
C VAL A 86 -26.07 7.67 -58.57
N ARG A 87 -26.23 8.75 -59.35
CA ARG A 87 -27.57 9.23 -59.70
C ARG A 87 -28.39 8.19 -60.41
N ASN A 88 -27.79 7.53 -61.41
CA ASN A 88 -28.50 6.49 -62.13
C ASN A 88 -28.86 5.34 -61.18
N ALA A 89 -27.91 4.94 -60.33
CA ALA A 89 -28.21 3.83 -59.42
C ALA A 89 -29.42 4.14 -58.57
N VAL A 90 -29.48 5.35 -58.02
CA VAL A 90 -30.58 5.64 -57.14
C VAL A 90 -31.91 5.66 -57.93
N ARG A 91 -31.88 6.28 -59.10
CA ARG A 91 -33.06 6.35 -59.99
C ARG A 91 -33.57 4.98 -60.39
N ILE A 92 -32.64 4.10 -60.76
CA ILE A 92 -32.97 2.72 -61.11
C ILE A 92 -33.58 1.97 -59.94
N ALA A 93 -32.95 2.07 -58.77
CA ALA A 93 -33.47 1.40 -57.60
C ALA A 93 -34.87 1.93 -57.22
N ARG A 94 -35.06 3.25 -57.31
CA ARG A 94 -36.38 3.83 -57.01
C ARG A 94 -37.47 3.30 -57.96
N ARG A 95 -37.11 3.14 -59.22
CA ARG A 95 -38.02 2.59 -60.24
C ARG A 95 -38.42 1.15 -59.87
N ALA A 96 -37.45 0.32 -59.46
CA ALA A 96 -37.75 -1.04 -59.08
C ALA A 96 -38.59 -1.13 -57.80
N ALA A 97 -38.35 -0.24 -56.84
CA ALA A 97 -38.85 -0.40 -55.50
C ALA A 97 -40.28 0.08 -55.31
N GLY A 98 -40.65 1.10 -56.08
CA GLY A 98 -41.92 1.82 -55.85
C GLY A 98 -41.98 2.40 -54.44
N GLU A 99 -42.86 1.86 -53.60
CA GLU A 99 -43.05 2.35 -52.21
C GLU A 99 -42.13 1.66 -51.22
N LYS A 100 -41.41 0.63 -51.68
CA LYS A 100 -40.48 -0.10 -50.80
C LYS A 100 -39.27 0.79 -50.53
N LEU A 101 -38.48 0.42 -49.53
CA LEU A 101 -37.36 1.29 -49.09
C LEU A 101 -36.16 1.07 -49.98
N VAL A 102 -35.47 2.17 -50.27
CA VAL A 102 -34.22 2.11 -51.00
C VAL A 102 -33.14 2.64 -50.10
N PHE A 103 -32.09 1.84 -49.84
CA PHE A 103 -30.93 2.33 -49.08
C PHE A 103 -29.74 2.58 -50.01
N GLY A 104 -29.11 3.74 -49.86
CA GLY A 104 -27.86 4.02 -50.59
C GLY A 104 -26.78 3.17 -49.99
N ASP A 105 -26.17 2.33 -50.84
CA ASP A 105 -25.19 1.34 -50.40
C ASP A 105 -23.76 1.84 -50.66
N ILE A 106 -22.96 1.89 -49.62
CA ILE A 106 -21.59 2.34 -49.80
C ILE A 106 -20.63 1.39 -49.13
N GLY A 107 -19.72 0.83 -49.92
CA GLY A 107 -18.66 0.03 -49.34
C GLY A 107 -17.34 0.78 -49.13
N PRO A 108 -16.36 0.07 -48.62
CA PRO A 108 -15.06 0.70 -48.29
C PRO A 108 -14.22 0.90 -49.56
N THR A 109 -13.08 1.58 -49.39
CA THR A 109 -12.30 2.07 -50.52
C THR A 109 -11.22 1.09 -50.98
N GLY A 110 -10.88 0.12 -50.14
CA GLY A 110 -9.72 -0.76 -50.39
C GLY A 110 -8.40 -0.09 -50.03
N GLU A 111 -8.45 1.12 -49.50
CA GLU A 111 -7.30 1.84 -48.99
C GLU A 111 -7.23 1.76 -47.48
N LEU A 112 -6.10 1.32 -46.94
CA LEU A 112 -5.91 1.24 -45.49
C LEU A 112 -5.59 2.61 -44.92
N PRO A 113 -5.98 2.91 -43.67
CA PRO A 113 -5.62 4.21 -43.13
C PRO A 113 -4.13 4.31 -42.85
N TYR A 114 -3.54 5.48 -43.03
CA TYR A 114 -2.17 5.69 -42.52
C TYR A 114 -2.13 5.30 -41.05
N PRO A 115 -1.08 4.60 -40.60
CA PRO A 115 0.22 4.31 -41.24
C PRO A 115 0.28 3.00 -41.99
N LEU A 116 -0.82 2.24 -42.00
CA LEU A 116 -0.86 1.00 -42.77
C LEU A 116 -0.86 1.28 -44.25
N GLY A 117 -1.71 2.24 -44.64
CA GLY A 117 -1.77 2.80 -45.99
C GLY A 117 -1.27 4.23 -45.95
N SER A 118 -1.68 5.02 -46.93
CA SER A 118 -1.27 6.41 -47.02
C SER A 118 -2.36 7.42 -46.62
N THR A 119 -3.55 6.92 -46.31
CA THR A 119 -4.75 7.81 -46.29
C THR A 119 -5.07 8.35 -44.89
N LEU A 120 -5.25 9.66 -44.81
CA LEU A 120 -5.65 10.29 -43.54
C LEU A 120 -7.17 10.35 -43.41
N PHE A 121 -7.61 10.41 -42.17
CA PHE A 121 -9.05 10.54 -41.85
C PHE A 121 -9.75 11.55 -42.76
N GLU A 122 -9.16 12.74 -42.90
CA GLU A 122 -9.78 13.81 -43.68
C GLU A 122 -10.10 13.44 -45.12
N GLU A 123 -9.24 12.60 -45.74
CA GLU A 123 -9.45 12.20 -47.12
C GLU A 123 -10.59 11.19 -47.22
N PHE A 124 -10.63 10.21 -46.31
CA PHE A 124 -11.77 9.26 -46.31
C PHE A 124 -13.08 10.03 -46.10
N TYR A 125 -13.06 10.97 -45.16
CA TYR A 125 -14.27 11.75 -44.82
C TYR A 125 -14.80 12.46 -46.05
N GLU A 126 -13.94 13.19 -46.78
CA GLU A 126 -14.40 13.89 -47.97
C GLU A 126 -14.88 12.90 -49.06
N ASN A 127 -14.17 11.79 -49.22
CA ASN A 127 -14.57 10.74 -50.13
C ASN A 127 -16.03 10.28 -49.88
N PHE A 128 -16.35 9.97 -48.63
CA PHE A 128 -17.70 9.44 -48.36
C PHE A 128 -18.75 10.55 -48.42
N ARG A 129 -18.35 11.75 -47.99
CA ARG A 129 -19.26 12.90 -48.03
C ARG A 129 -19.87 13.07 -49.44
N GLU A 130 -19.04 12.96 -50.48
CA GLU A 130 -19.47 13.28 -51.85
C GLU A 130 -20.48 12.28 -52.39
N THR A 131 -20.29 11.00 -52.07
CA THR A 131 -21.27 10.02 -52.49
C THR A 131 -22.56 10.19 -51.70
N VAL A 132 -22.45 10.44 -50.41
CA VAL A 132 -23.65 10.58 -49.60
C VAL A 132 -24.48 11.80 -50.07
N GLU A 133 -23.81 12.91 -50.41
CA GLU A 133 -24.52 14.11 -51.00
C GLU A 133 -25.42 13.74 -52.14
N ILE A 134 -24.90 12.98 -53.09
CA ILE A 134 -25.65 12.59 -54.26
C ILE A 134 -26.82 11.75 -53.82
N MET A 135 -26.58 10.83 -52.90
CA MET A 135 -27.64 9.88 -52.53
C MET A 135 -28.79 10.62 -51.84
N VAL A 136 -28.44 11.56 -50.98
CA VAL A 136 -29.47 12.27 -50.19
C VAL A 136 -30.30 13.13 -51.17
N GLU A 137 -29.62 13.73 -52.15
CA GLU A 137 -30.33 14.56 -53.17
C GLU A 137 -31.31 13.77 -53.98
N GLU A 138 -30.93 12.53 -54.29
CA GLU A 138 -31.73 11.64 -55.11
C GLU A 138 -32.79 10.89 -54.32
N GLY A 139 -32.83 11.12 -53.01
CA GLY A 139 -33.95 10.68 -52.18
C GLY A 139 -33.95 9.27 -51.65
N VAL A 140 -32.81 8.81 -51.19
CA VAL A 140 -32.72 7.52 -50.54
C VAL A 140 -33.45 7.52 -49.19
N ASP A 141 -33.90 6.34 -48.76
CA ASP A 141 -34.57 6.14 -47.48
C ASP A 141 -33.56 5.76 -46.38
N GLY A 142 -32.27 5.71 -46.72
CA GLY A 142 -31.27 5.44 -45.70
C GLY A 142 -29.93 5.29 -46.40
N ILE A 143 -28.87 5.25 -45.59
CA ILE A 143 -27.48 5.00 -46.09
C ILE A 143 -26.97 3.82 -45.25
N ILE A 144 -26.42 2.83 -45.96
CA ILE A 144 -25.83 1.67 -45.33
C ILE A 144 -24.36 1.52 -45.77
N PHE A 145 -23.47 1.48 -44.78
CA PHE A 145 -22.03 1.29 -45.04
C PHE A 145 -21.78 -0.21 -44.85
N GLU A 146 -21.62 -0.92 -45.97
CA GLU A 146 -21.46 -2.40 -45.94
C GLU A 146 -20.02 -2.85 -45.99
N THR A 147 -19.69 -3.92 -45.27
CA THR A 147 -18.48 -4.68 -45.54
C THR A 147 -17.23 -3.88 -45.15
N PHE A 148 -17.35 -3.03 -44.13
CA PHE A 148 -16.15 -2.29 -43.70
C PHE A 148 -15.21 -3.18 -42.89
N SER A 149 -13.90 -2.96 -43.14
CA SER A 149 -12.88 -3.76 -42.47
C SER A 149 -12.06 -2.99 -41.47
N ASP A 150 -12.22 -1.65 -41.41
CA ASP A 150 -11.40 -0.84 -40.52
C ASP A 150 -12.27 0.23 -39.83
N ILE A 151 -12.14 0.35 -38.51
CA ILE A 151 -13.00 1.28 -37.76
C ILE A 151 -12.74 2.75 -38.07
N LEU A 152 -11.51 3.11 -38.41
CA LEU A 152 -11.31 4.54 -38.75
C LEU A 152 -11.99 4.92 -40.06
N GLU A 153 -11.87 4.07 -41.08
CA GLU A 153 -12.49 4.35 -42.34
C GLU A 153 -14.03 4.37 -42.12
N LEU A 154 -14.54 3.44 -41.31
CA LEU A 154 -15.99 3.43 -41.03
C LEU A 154 -16.44 4.66 -40.22
N LYS A 155 -15.63 5.09 -39.26
CA LYS A 155 -15.94 6.30 -38.49
C LYS A 155 -15.98 7.49 -39.42
N ALA A 156 -15.01 7.58 -40.33
CA ALA A 156 -15.05 8.64 -41.29
C ALA A 156 -16.34 8.67 -42.15
N ALA A 157 -16.80 7.48 -42.59
CA ALA A 157 -17.93 7.32 -43.45
C ALA A 157 -19.18 7.78 -42.66
N VAL A 158 -19.31 7.28 -41.43
CA VAL A 158 -20.52 7.67 -40.62
C VAL A 158 -20.57 9.18 -40.31
N LEU A 159 -19.44 9.73 -39.93
CA LEU A 159 -19.37 11.16 -39.59
C LEU A 159 -19.63 12.03 -40.82
N ALA A 160 -19.13 11.62 -41.99
CA ALA A 160 -19.37 12.33 -43.22
C ALA A 160 -20.86 12.28 -43.60
N ALA A 161 -21.47 11.11 -43.42
CA ALA A 161 -22.87 10.94 -43.78
C ALA A 161 -23.73 11.81 -42.90
N ARG A 162 -23.43 11.82 -41.61
CA ARG A 162 -24.20 12.60 -40.63
C ARG A 162 -24.03 14.12 -40.82
N GLU A 163 -22.87 14.55 -41.30
CA GLU A 163 -22.68 15.95 -41.65
C GLU A 163 -23.45 16.37 -42.90
N VAL A 164 -23.72 15.44 -43.80
CA VAL A 164 -24.54 15.76 -44.97
C VAL A 164 -26.00 15.90 -44.54
N SER A 165 -26.41 14.98 -43.70
CA SER A 165 -27.82 14.90 -43.27
C SER A 165 -27.99 14.34 -41.87
N ARG A 166 -28.59 15.16 -41.00
CA ARG A 166 -28.92 14.71 -39.69
C ARG A 166 -30.21 13.89 -39.70
N ASP A 167 -30.89 13.81 -40.85
CA ASP A 167 -32.19 13.17 -40.94
C ASP A 167 -32.20 11.80 -41.57
N VAL A 168 -31.12 11.41 -42.25
CA VAL A 168 -31.16 10.13 -42.96
C VAL A 168 -30.87 8.94 -42.02
N PHE A 169 -31.61 7.86 -42.21
CA PHE A 169 -31.40 6.64 -41.44
C PHE A 169 -30.02 6.09 -41.85
N LEU A 170 -29.16 5.83 -40.88
CA LEU A 170 -27.74 5.49 -41.15
C LEU A 170 -27.37 4.16 -40.50
N ILE A 171 -26.82 3.23 -41.28
CA ILE A 171 -26.53 1.91 -40.81
C ILE A 171 -25.04 1.69 -41.05
N ALA A 172 -24.36 1.20 -40.01
CA ALA A 172 -22.92 0.93 -40.13
C ALA A 172 -22.66 -0.56 -39.97
N HIS A 173 -21.94 -1.18 -40.92
CA HIS A 173 -21.56 -2.59 -40.82
C HIS A 173 -20.07 -2.78 -40.82
N MET A 174 -19.61 -3.79 -40.10
CA MET A 174 -18.25 -4.34 -40.38
C MET A 174 -18.40 -5.76 -40.86
N THR A 175 -17.37 -6.25 -41.51
CA THR A 175 -17.31 -7.66 -41.84
C THR A 175 -16.18 -8.26 -40.99
N PHE A 176 -16.42 -9.50 -40.52
CA PHE A 176 -15.54 -10.16 -39.56
C PHE A 176 -15.07 -11.50 -40.12
N ASP A 177 -13.81 -11.83 -39.87
CA ASP A 177 -13.33 -13.14 -40.28
C ASP A 177 -13.81 -14.23 -39.31
N GLU A 178 -13.40 -15.47 -39.58
CA GLU A 178 -13.85 -16.62 -38.84
C GLU A 178 -13.38 -16.58 -37.37
N LYS A 179 -12.40 -15.74 -37.07
CA LYS A 179 -11.92 -15.53 -35.69
C LYS A 179 -12.66 -14.37 -34.99
N GLY A 180 -13.57 -13.73 -35.72
CA GLY A 180 -14.41 -12.70 -35.14
C GLY A 180 -13.70 -11.37 -35.05
N ARG A 181 -12.80 -11.14 -35.99
CA ARG A 181 -12.03 -9.88 -36.05
C ARG A 181 -12.08 -9.26 -37.44
N SER A 182 -12.06 -7.92 -37.51
CA SER A 182 -11.98 -7.22 -38.80
C SER A 182 -10.50 -7.25 -39.23
N LEU A 183 -10.27 -6.74 -40.42
CA LEU A 183 -8.91 -6.77 -41.01
C LEU A 183 -7.90 -6.10 -40.11
N THR A 184 -8.29 -4.99 -39.49
CA THR A 184 -7.35 -4.23 -38.60
C THR A 184 -7.54 -4.50 -37.13
N GLY A 185 -8.32 -5.56 -36.84
CA GLY A 185 -8.33 -6.23 -35.53
C GLY A 185 -9.48 -6.01 -34.57
N THR A 186 -10.57 -5.45 -35.10
CA THR A 186 -11.66 -5.04 -34.21
C THR A 186 -12.61 -6.22 -34.04
N ASP A 187 -12.94 -6.53 -32.77
CA ASP A 187 -13.90 -7.60 -32.49
C ASP A 187 -15.29 -6.99 -32.38
N PRO A 188 -16.33 -7.84 -32.34
CA PRO A 188 -17.68 -7.24 -32.35
C PRO A 188 -18.04 -6.41 -31.12
N ALA A 189 -17.53 -6.74 -29.93
CA ALA A 189 -17.80 -5.90 -28.78
C ALA A 189 -17.17 -4.51 -28.94
N ASN A 190 -15.93 -4.47 -29.42
CA ASN A 190 -15.29 -3.22 -29.70
C ASN A 190 -16.06 -2.39 -30.73
N PHE A 191 -16.44 -3.03 -31.84
CA PHE A 191 -17.27 -2.37 -32.88
C PHE A 191 -18.51 -1.77 -32.22
N ALA A 192 -19.23 -2.60 -31.46
CA ALA A 192 -20.46 -2.12 -30.83
C ALA A 192 -20.22 -0.99 -29.84
N ILE A 193 -19.23 -1.14 -28.97
CA ILE A 193 -18.95 -0.16 -27.94
C ILE A 193 -18.53 1.18 -28.54
N THR A 194 -17.74 1.10 -29.61
CA THR A 194 -17.26 2.29 -30.28
C THR A 194 -18.38 2.99 -31.05
N PHE A 195 -19.16 2.23 -31.83
CA PHE A 195 -20.14 2.81 -32.72
C PHE A 195 -21.51 3.09 -32.09
N ASP A 196 -21.86 2.37 -31.03
CA ASP A 196 -23.19 2.57 -30.38
C ASP A 196 -23.40 4.00 -30.01
N GLU A 197 -22.33 4.65 -29.59
CA GLU A 197 -22.48 6.01 -29.10
C GLU A 197 -22.39 7.10 -30.14
N LEU A 198 -22.17 6.73 -31.40
CA LEU A 198 -22.22 7.71 -32.47
C LEU A 198 -23.66 7.84 -32.98
N ASP A 199 -23.93 8.89 -33.74
CA ASP A 199 -25.32 9.19 -34.15
C ASP A 199 -25.76 8.34 -35.34
N ILE A 200 -25.55 7.03 -35.24
CA ILE A 200 -26.04 6.12 -36.25
C ILE A 200 -27.34 5.51 -35.72
N ASP A 201 -28.11 4.95 -36.63
CA ASP A 201 -29.42 4.37 -36.26
C ASP A 201 -29.35 2.89 -36.10
N ALA A 202 -28.37 2.24 -36.75
CA ALA A 202 -28.30 0.79 -36.73
C ALA A 202 -26.87 0.32 -36.91
N LEU A 203 -26.58 -0.84 -36.33
CA LEU A 203 -25.33 -1.57 -36.57
C LEU A 203 -25.56 -2.94 -37.17
N GLY A 204 -24.58 -3.50 -37.86
CA GLY A 204 -24.77 -4.85 -38.33
C GLY A 204 -23.51 -5.48 -38.89
N ILE A 205 -23.70 -6.62 -39.54
CA ILE A 205 -22.60 -7.46 -40.05
C ILE A 205 -23.02 -7.96 -41.43
N ASN A 206 -22.12 -7.93 -42.42
CA ASN A 206 -22.43 -8.59 -43.68
C ASN A 206 -21.18 -9.21 -44.22
N CYS A 207 -21.39 -10.23 -45.03
CA CYS A 207 -20.31 -10.85 -45.83
C CYS A 207 -19.30 -11.63 -45.02
N SER A 208 -18.29 -12.11 -45.73
CA SER A 208 -17.21 -12.96 -45.22
C SER A 208 -17.58 -14.37 -44.79
N LEU A 209 -18.71 -14.51 -44.11
CA LEU A 209 -19.04 -15.76 -43.42
C LEU A 209 -20.47 -16.08 -43.73
N GLY A 210 -20.86 -17.33 -43.47
CA GLY A 210 -22.26 -17.73 -43.67
C GLY A 210 -23.06 -17.48 -42.41
N PRO A 211 -24.36 -17.80 -42.43
CA PRO A 211 -25.25 -17.54 -41.27
C PRO A 211 -24.85 -18.29 -39.99
N GLU A 212 -24.30 -19.48 -40.14
CA GLU A 212 -23.85 -20.25 -38.98
C GLU A 212 -22.67 -19.59 -38.27
N GLU A 213 -21.69 -19.17 -39.07
CA GLU A 213 -20.45 -18.60 -38.53
C GLU A 213 -20.70 -17.22 -37.94
N ILE A 214 -21.60 -16.45 -38.53
CA ILE A 214 -21.94 -15.12 -38.01
C ILE A 214 -22.69 -15.14 -36.67
N LEU A 215 -23.48 -16.19 -36.41
CA LEU A 215 -24.36 -16.13 -35.25
C LEU A 215 -23.68 -15.68 -33.94
N PRO A 216 -22.56 -16.32 -33.51
CA PRO A 216 -21.96 -15.91 -32.23
C PRO A 216 -21.33 -14.51 -32.29
N ILE A 217 -20.90 -14.11 -33.49
CA ILE A 217 -20.34 -12.78 -33.73
C ILE A 217 -21.46 -11.75 -33.60
N PHE A 218 -22.61 -12.04 -34.22
CA PHE A 218 -23.78 -11.20 -34.12
C PHE A 218 -24.33 -11.15 -32.67
N GLN A 219 -24.29 -12.27 -31.98
CA GLN A 219 -24.71 -12.30 -30.58
C GLN A 219 -23.91 -11.32 -29.73
N GLU A 220 -22.59 -11.32 -29.89
CA GLU A 220 -21.73 -10.39 -29.16
C GLU A 220 -22.04 -8.95 -29.52
N LEU A 221 -22.20 -8.67 -30.81
CA LEU A 221 -22.60 -7.32 -31.25
C LEU A 221 -23.91 -6.92 -30.57
N SER A 222 -24.88 -7.82 -30.57
CA SER A 222 -26.21 -7.46 -30.05
C SER A 222 -26.20 -7.15 -28.55
N GLN A 223 -25.25 -7.72 -27.84
CA GLN A 223 -25.12 -7.53 -26.38
C GLN A 223 -24.65 -6.14 -25.98
N TYR A 224 -23.98 -5.47 -26.91
CA TYR A 224 -23.34 -4.20 -26.60
C TYR A 224 -23.90 -2.97 -27.26
N THR A 225 -25.01 -3.11 -27.98
CA THR A 225 -25.73 -1.95 -28.52
C THR A 225 -27.23 -2.08 -28.34
N ASP A 226 -27.92 -0.95 -28.20
CA ASP A 226 -29.38 -0.93 -28.18
C ASP A 226 -29.98 -0.38 -29.47
N LYS A 227 -29.12 -0.13 -30.46
CA LYS A 227 -29.54 0.37 -31.76
C LYS A 227 -30.14 -0.78 -32.54
N PHE A 228 -30.71 -0.44 -33.70
CA PHE A 228 -31.29 -1.44 -34.57
C PHE A 228 -30.16 -2.29 -35.10
N LEU A 229 -30.48 -3.54 -35.40
CA LEU A 229 -29.52 -4.56 -35.85
C LEU A 229 -29.85 -5.09 -37.24
N VAL A 230 -28.81 -5.23 -38.07
CA VAL A 230 -28.95 -5.72 -39.44
C VAL A 230 -27.97 -6.84 -39.67
N VAL A 231 -28.38 -7.85 -40.42
CA VAL A 231 -27.43 -8.93 -40.76
C VAL A 231 -27.60 -9.35 -42.21
N GLU A 232 -26.49 -9.55 -42.93
CA GLU A 232 -26.54 -10.12 -44.25
C GLU A 232 -25.40 -11.12 -44.44
N PRO A 233 -25.61 -12.37 -44.03
CA PRO A 233 -24.55 -13.38 -44.26
C PRO A 233 -24.37 -13.76 -45.72
N ASN A 234 -23.17 -14.26 -46.08
CA ASN A 234 -23.01 -14.93 -47.35
C ASN A 234 -23.86 -16.20 -47.34
N ALA A 235 -24.13 -16.74 -48.52
CA ALA A 235 -24.83 -18.03 -48.66
C ALA A 235 -23.83 -19.16 -48.38
N GLY A 236 -23.42 -19.25 -47.11
CA GLY A 236 -22.34 -20.11 -46.63
C GLY A 236 -21.02 -19.39 -46.80
N LYS A 237 -20.01 -19.84 -46.07
CA LYS A 237 -18.64 -19.31 -46.23
C LYS A 237 -18.14 -19.64 -47.65
N PRO A 238 -17.45 -18.69 -48.29
CA PRO A 238 -17.05 -18.88 -49.68
C PRO A 238 -16.04 -20.02 -49.82
N ILE A 239 -16.21 -20.84 -50.85
CA ILE A 239 -15.27 -21.93 -51.18
C ILE A 239 -14.89 -21.85 -52.66
N VAL A 240 -13.66 -22.26 -52.99
CA VAL A 240 -13.26 -22.25 -54.40
C VAL A 240 -13.40 -23.65 -55.03
N GLU A 241 -14.17 -23.72 -56.11
CA GLU A 241 -14.40 -24.95 -56.84
C GLU A 241 -14.13 -24.72 -58.32
N ASN A 242 -13.27 -25.55 -58.91
CA ASN A 242 -12.89 -25.41 -60.32
C ASN A 242 -12.54 -23.97 -60.71
N GLY A 243 -11.70 -23.31 -59.91
CA GLY A 243 -11.23 -21.95 -60.18
C GLY A 243 -12.24 -20.82 -60.03
N LYS A 244 -13.33 -21.04 -59.29
CA LYS A 244 -14.25 -19.93 -58.97
C LYS A 244 -14.80 -19.98 -57.55
N THR A 245 -15.14 -18.80 -57.02
CA THR A 245 -15.72 -18.69 -55.69
C THR A 245 -17.16 -19.17 -55.77
N VAL A 246 -17.47 -20.15 -54.93
CA VAL A 246 -18.82 -20.71 -54.82
C VAL A 246 -19.33 -20.46 -53.41
N TYR A 247 -20.61 -20.10 -53.31
CA TYR A 247 -21.32 -19.98 -52.05
C TYR A 247 -22.35 -21.10 -52.06
N PRO A 248 -22.10 -22.15 -51.28
CA PRO A 248 -22.83 -23.40 -51.47
C PRO A 248 -24.15 -23.56 -50.71
N LEU A 249 -24.43 -22.65 -49.79
CA LEU A 249 -25.63 -22.78 -48.97
C LEU A 249 -26.93 -22.54 -49.73
N LYS A 250 -27.79 -23.56 -49.70
CA LYS A 250 -29.04 -23.54 -50.43
C LYS A 250 -30.12 -22.76 -49.66
N PRO A 251 -31.26 -22.42 -50.33
CA PRO A 251 -32.30 -21.61 -49.69
C PRO A 251 -32.80 -22.10 -48.34
N HIS A 252 -33.23 -23.36 -48.28
CA HIS A 252 -33.71 -23.86 -46.99
C HIS A 252 -32.67 -23.84 -45.87
N ASP A 253 -31.45 -24.27 -46.18
CA ASP A 253 -30.43 -24.30 -45.17
C ASP A 253 -30.02 -22.90 -44.69
N PHE A 254 -30.23 -21.89 -45.53
CA PHE A 254 -29.94 -20.51 -45.14
C PHE A 254 -31.13 -19.99 -44.31
N ALA A 255 -32.34 -20.20 -44.81
CA ALA A 255 -33.57 -19.66 -44.19
C ALA A 255 -33.83 -20.17 -42.77
N VAL A 256 -33.42 -21.41 -42.51
CA VAL A 256 -33.58 -22.01 -41.17
C VAL A 256 -32.95 -21.18 -40.05
N HIS A 257 -31.98 -20.32 -40.42
CA HIS A 257 -31.27 -19.50 -39.47
C HIS A 257 -32.00 -18.23 -39.03
N ILE A 258 -33.05 -17.84 -39.75
CA ILE A 258 -33.79 -16.62 -39.46
C ILE A 258 -34.25 -16.57 -38.01
N ASP A 259 -34.83 -17.65 -37.50
CA ASP A 259 -35.28 -17.65 -36.09
C ASP A 259 -34.19 -17.26 -35.09
N SER A 260 -33.00 -17.84 -35.26
CA SER A 260 -31.86 -17.57 -34.39
C SER A 260 -31.43 -16.11 -34.40
N TYR A 261 -31.49 -15.46 -35.56
CA TYR A 261 -31.24 -14.01 -35.62
C TYR A 261 -32.35 -13.17 -35.05
N TYR A 262 -33.59 -13.57 -35.30
CA TYR A 262 -34.74 -12.92 -34.69
C TYR A 262 -34.68 -12.92 -33.15
N GLU A 263 -34.30 -14.07 -32.58
CA GLU A 263 -34.17 -14.24 -31.14
C GLU A 263 -33.09 -13.33 -30.54
N LEU A 264 -32.08 -13.00 -31.34
CA LEU A 264 -31.02 -12.05 -30.94
C LEU A 264 -31.36 -10.60 -31.24
N GLY A 265 -32.58 -10.33 -31.71
CA GLY A 265 -33.02 -8.95 -31.87
C GLY A 265 -32.80 -8.32 -33.23
N VAL A 266 -32.55 -9.13 -34.25
CA VAL A 266 -32.41 -8.59 -35.61
C VAL A 266 -33.62 -7.79 -36.04
N ASN A 267 -33.34 -6.69 -36.74
CA ASN A 267 -34.36 -5.80 -37.23
C ASN A 267 -34.52 -5.84 -38.74
N ILE A 268 -33.43 -6.15 -39.46
CA ILE A 268 -33.49 -6.26 -40.90
C ILE A 268 -32.60 -7.45 -41.23
N PHE A 269 -33.15 -8.38 -42.02
CA PHE A 269 -32.39 -9.59 -42.40
C PHE A 269 -32.29 -9.67 -43.91
N GLY A 270 -31.08 -9.92 -44.43
CA GLY A 270 -30.94 -10.14 -45.86
C GLY A 270 -29.75 -11.06 -46.11
N GLY A 271 -29.24 -11.04 -47.34
CA GLY A 271 -28.05 -11.82 -47.64
C GLY A 271 -27.04 -11.02 -48.47
N CYS A 272 -25.75 -11.40 -48.35
CA CYS A 272 -24.67 -10.76 -49.12
C CYS A 272 -24.25 -11.71 -50.27
N CYS A 273 -23.04 -11.55 -50.79
CA CYS A 273 -22.52 -12.36 -51.88
C CYS A 273 -22.98 -13.81 -51.75
N GLY A 274 -23.52 -14.34 -52.85
CA GLY A 274 -23.91 -15.72 -52.96
C GLY A 274 -25.39 -15.90 -52.77
N THR A 275 -25.99 -14.88 -52.15
CA THR A 275 -27.45 -14.89 -51.96
C THR A 275 -28.17 -14.54 -53.24
N THR A 276 -29.19 -15.35 -53.57
CA THR A 276 -29.91 -15.17 -54.84
C THR A 276 -31.39 -14.90 -54.57
N PRO A 277 -32.15 -14.51 -55.61
CA PRO A 277 -33.61 -14.32 -55.46
C PRO A 277 -34.32 -15.57 -54.89
N GLU A 278 -33.82 -16.77 -55.22
CA GLU A 278 -34.36 -18.01 -54.65
C GLU A 278 -34.23 -18.05 -53.11
N HIS A 279 -33.08 -17.62 -52.59
CA HIS A 279 -32.95 -17.50 -51.14
C HIS A 279 -33.98 -16.50 -50.61
N VAL A 280 -34.06 -15.32 -51.22
CA VAL A 280 -34.86 -14.22 -50.65
C VAL A 280 -36.34 -14.65 -50.64
N LYS A 281 -36.77 -15.33 -51.68
CA LYS A 281 -38.18 -15.85 -51.72
C LYS A 281 -38.51 -16.71 -50.52
N LEU A 282 -37.59 -17.59 -50.16
CA LEU A 282 -37.79 -18.42 -48.99
C LEU A 282 -37.67 -17.61 -47.69
N PHE A 283 -36.74 -16.64 -47.64
CA PHE A 283 -36.65 -15.83 -46.45
C PHE A 283 -37.99 -15.14 -46.20
N ARG A 284 -38.64 -14.73 -47.27
CA ARG A 284 -39.90 -13.98 -47.18
C ARG A 284 -40.93 -14.88 -46.50
N LYS A 285 -40.98 -16.14 -46.91
CA LYS A 285 -41.99 -17.10 -46.37
C LYS A 285 -41.72 -17.40 -44.90
N VAL A 286 -40.44 -17.58 -44.57
CA VAL A 286 -40.03 -17.94 -43.25
C VAL A 286 -40.12 -16.78 -42.26
N LEU A 287 -39.74 -15.60 -42.71
CA LEU A 287 -39.75 -14.45 -41.81
C LEU A 287 -41.19 -14.10 -41.45
N GLY A 288 -42.03 -14.05 -42.47
CA GLY A 288 -43.40 -13.55 -42.29
C GLY A 288 -43.46 -12.18 -41.69
N ASN A 289 -44.43 -12.00 -40.80
CA ASN A 289 -44.72 -10.73 -40.16
C ASN A 289 -44.42 -10.83 -38.67
N ARG A 290 -43.30 -10.22 -38.24
CA ARG A 290 -42.88 -10.32 -36.84
C ARG A 290 -42.55 -8.96 -36.27
N LYS A 291 -42.88 -8.77 -35.00
CA LYS A 291 -42.43 -7.58 -34.29
C LYS A 291 -41.04 -7.89 -33.73
N PRO A 292 -40.09 -6.93 -33.83
CA PRO A 292 -38.78 -7.23 -33.27
C PRO A 292 -38.80 -7.35 -31.74
N LEU A 293 -37.85 -8.11 -31.23
CA LEU A 293 -37.68 -8.33 -29.80
C LEU A 293 -36.90 -7.21 -29.13
N GLN A 294 -37.28 -6.88 -27.90
CA GLN A 294 -36.53 -5.97 -27.05
C GLN A 294 -35.29 -6.66 -26.47
N ARG A 295 -34.21 -5.89 -26.32
CA ARG A 295 -33.00 -6.33 -25.59
C ARG A 295 -32.59 -5.17 -24.69
N LYS A 296 -31.76 -5.43 -23.67
CA LYS A 296 -31.15 -4.31 -22.96
C LYS A 296 -29.81 -3.92 -23.60
N LYS A 297 -28.76 -4.56 -23.13
CA LYS A 297 -27.38 -4.33 -23.55
C LYS A 297 -26.55 -4.18 -22.29
N LYS A 298 -25.43 -4.89 -22.28
CA LYS A 298 -24.49 -4.87 -21.20
C LYS A 298 -23.86 -3.50 -21.20
N ARG A 299 -23.62 -2.97 -20.01
CA ARG A 299 -22.99 -1.69 -19.91
C ARG A 299 -21.60 -1.91 -19.39
N ILE A 300 -20.61 -1.32 -20.05
CA ILE A 300 -19.24 -1.39 -19.55
C ILE A 300 -18.51 -0.10 -19.80
N PHE A 301 -17.51 0.13 -18.96
CA PHE A 301 -16.60 1.24 -19.15
C PHE A 301 -15.37 0.66 -19.86
N ALA A 302 -15.14 1.06 -21.11
CA ALA A 302 -14.00 0.54 -21.88
C ALA A 302 -13.56 1.60 -22.86
N VAL A 303 -12.29 1.56 -23.25
CA VAL A 303 -11.79 2.43 -24.33
C VAL A 303 -11.14 1.50 -25.35
N SER A 304 -10.91 1.99 -26.59
CA SER A 304 -10.49 1.05 -27.61
C SER A 304 -9.58 1.72 -28.63
N SER A 305 -8.80 0.86 -29.26
CA SER A 305 -8.07 1.13 -30.51
C SER A 305 -8.64 0.13 -31.52
N PRO A 306 -8.16 0.15 -32.77
CA PRO A 306 -8.63 -0.84 -33.76
C PRO A 306 -8.48 -2.28 -33.26
N SER A 307 -7.40 -2.61 -32.56
CA SER A 307 -7.16 -4.01 -32.22
C SER A 307 -7.34 -4.37 -30.75
N LYS A 308 -7.59 -3.38 -29.89
CA LYS A 308 -7.59 -3.59 -28.45
C LYS A 308 -8.79 -2.91 -27.79
N LEU A 309 -9.56 -3.67 -27.00
CA LEU A 309 -10.60 -3.12 -26.15
C LEU A 309 -10.07 -3.24 -24.75
N VAL A 310 -9.91 -2.11 -24.08
CA VAL A 310 -9.44 -2.11 -22.70
C VAL A 310 -10.60 -1.86 -21.77
N THR A 311 -10.99 -2.86 -20.99
CA THR A 311 -12.11 -2.71 -20.08
C THR A 311 -11.58 -2.43 -18.68
N PHE A 312 -12.19 -1.48 -17.97
CA PHE A 312 -11.72 -1.10 -16.65
C PHE A 312 -12.30 -2.03 -15.58
N ASP A 313 -11.88 -3.30 -15.64
CA ASP A 313 -12.24 -4.31 -14.63
C ASP A 313 -10.98 -4.93 -14.00
N HIS A 314 -9.87 -4.22 -14.17
CA HIS A 314 -8.57 -4.61 -13.66
C HIS A 314 -7.76 -3.30 -13.66
N PHE A 315 -6.65 -3.27 -12.94
CA PHE A 315 -5.86 -2.03 -12.88
C PHE A 315 -5.26 -1.69 -14.25
N VAL A 316 -5.52 -0.47 -14.72
CA VAL A 316 -5.11 -0.03 -16.05
C VAL A 316 -3.90 0.94 -15.94
N VAL A 317 -2.78 0.53 -16.47
CA VAL A 317 -1.59 1.40 -16.52
C VAL A 317 -1.76 2.31 -17.74
N ILE A 318 -1.78 3.62 -17.49
CA ILE A 318 -1.88 4.64 -18.55
C ILE A 318 -0.48 5.29 -18.62
N GLY A 319 0.25 5.04 -19.72
CA GLY A 319 1.63 5.57 -19.86
C GLY A 319 1.64 7.07 -19.97
N GLU A 320 2.46 7.74 -19.15
CA GLU A 320 2.44 9.19 -19.04
C GLU A 320 3.41 9.92 -20.02
N ARG A 321 4.25 9.17 -20.71
CA ARG A 321 5.53 9.74 -21.25
C ARG A 321 5.44 10.65 -22.47
N ILE A 322 4.40 10.46 -23.30
CA ILE A 322 4.20 11.35 -24.44
C ILE A 322 3.65 12.66 -23.95
N ASN A 323 4.55 13.47 -23.38
CA ASN A 323 4.18 14.72 -22.78
C ASN A 323 5.47 15.49 -22.72
N PRO A 324 5.54 16.64 -23.42
CA PRO A 324 6.81 17.36 -23.58
C PRO A 324 7.22 18.23 -22.37
N ALA A 325 6.41 18.20 -21.31
CA ALA A 325 6.71 18.96 -20.08
C ALA A 325 8.01 18.46 -19.49
N GLY A 326 8.97 19.37 -19.32
CA GLY A 326 10.30 18.98 -18.81
C GLY A 326 11.05 18.04 -19.73
N ARG A 327 10.67 17.98 -21.01
CA ARG A 327 11.37 17.14 -21.99
C ARG A 327 11.76 17.97 -23.22
N LYS A 328 12.88 18.69 -23.10
CA LYS A 328 13.36 19.66 -24.09
C LYS A 328 13.49 19.11 -25.49
N LYS A 329 14.03 17.89 -25.60
CA LYS A 329 14.21 17.22 -26.87
C LYS A 329 12.82 16.93 -27.48
N LEU A 330 12.01 16.17 -26.74
CA LEU A 330 10.67 15.83 -27.22
C LEU A 330 9.89 17.08 -27.64
N TRP A 331 9.96 18.14 -26.85
CA TRP A 331 9.26 19.37 -27.16
C TRP A 331 9.77 19.95 -28.47
N ALA A 332 11.09 20.04 -28.62
CA ALA A 332 11.65 20.56 -29.84
C ALA A 332 11.23 19.76 -31.06
N GLU A 333 11.24 18.43 -30.91
CA GLU A 333 10.93 17.51 -31.99
C GLU A 333 9.45 17.45 -32.34
N MET A 334 8.58 17.63 -31.35
CA MET A 334 7.14 17.72 -31.62
C MET A 334 6.88 18.94 -32.49
N GLN A 335 7.55 20.04 -32.18
CA GLN A 335 7.33 21.28 -32.91
C GLN A 335 7.79 21.17 -34.38
N LYS A 336 8.72 20.28 -34.65
CA LYS A 336 9.15 20.06 -36.03
C LYS A 336 8.39 18.95 -36.75
N GLY A 337 7.37 18.39 -36.08
CA GLY A 337 6.54 17.37 -36.71
C GLY A 337 7.17 15.99 -36.76
N ASN A 338 8.03 15.72 -35.80
CA ASN A 338 8.68 14.42 -35.72
C ASN A 338 7.69 13.35 -35.19
N GLU A 339 7.32 12.40 -36.06
CA GLU A 339 6.41 11.30 -35.69
C GLU A 339 7.17 10.15 -35.07
N GLU A 340 8.35 9.84 -35.61
CA GLU A 340 9.13 8.69 -35.15
C GLU A 340 9.50 8.71 -33.67
N ILE A 341 9.81 9.90 -33.13
CA ILE A 341 10.18 10.02 -31.72
C ILE A 341 8.99 9.65 -30.80
N VAL A 342 7.81 10.10 -31.20
CA VAL A 342 6.58 9.85 -30.42
C VAL A 342 6.22 8.38 -30.59
N ILE A 343 6.35 7.85 -31.80
CA ILE A 343 6.09 6.42 -32.01
C ILE A 343 6.99 5.49 -31.16
N LYS A 344 8.27 5.83 -31.08
CA LYS A 344 9.19 5.10 -30.23
C LYS A 344 8.77 5.15 -28.75
N GLU A 345 8.38 6.34 -28.26
CA GLU A 345 7.93 6.49 -26.89
C GLU A 345 6.70 5.63 -26.60
N ALA A 346 5.81 5.58 -27.58
CA ALA A 346 4.59 4.75 -27.46
C ALA A 346 4.92 3.26 -27.35
N LYS A 347 5.68 2.76 -28.31
CA LYS A 347 6.00 1.33 -28.35
C LYS A 347 6.75 0.87 -27.08
N THR A 348 7.70 1.68 -26.62
CA THR A 348 8.47 1.31 -25.42
C THR A 348 7.55 1.20 -24.20
N GLN A 349 6.64 2.14 -24.05
CA GLN A 349 5.73 2.12 -22.91
C GLN A 349 4.85 0.91 -22.93
N VAL A 350 4.31 0.57 -24.10
CA VAL A 350 3.48 -0.62 -24.22
C VAL A 350 4.27 -1.89 -23.92
N GLU A 351 5.52 -1.93 -24.42
CA GLU A 351 6.38 -3.10 -24.18
C GLU A 351 6.55 -3.28 -22.66
N LYS A 352 6.58 -2.17 -21.93
CA LYS A 352 6.76 -2.23 -20.48
C LYS A 352 5.46 -2.35 -19.67
N GLY A 353 4.31 -2.44 -20.35
CA GLY A 353 3.07 -2.80 -19.67
C GLY A 353 2.00 -1.71 -19.66
N ALA A 354 2.25 -0.59 -20.34
CA ALA A 354 1.17 0.41 -20.53
C ALA A 354 0.06 -0.20 -21.39
N GLU A 355 -1.20 -0.07 -20.97
CA GLU A 355 -2.34 -0.58 -21.71
C GLU A 355 -3.09 0.51 -22.44
N VAL A 356 -2.84 1.76 -22.05
CA VAL A 356 -3.40 2.97 -22.67
C VAL A 356 -2.25 3.98 -22.62
N LEU A 357 -2.18 4.88 -23.60
CA LEU A 357 -1.14 5.92 -23.63
C LEU A 357 -1.74 7.32 -23.54
N ASP A 358 -1.26 8.12 -22.58
CA ASP A 358 -1.61 9.52 -22.54
C ASP A 358 -0.81 10.25 -23.66
N VAL A 359 -1.42 11.22 -24.33
CA VAL A 359 -0.75 11.98 -25.42
C VAL A 359 -1.05 13.47 -25.24
N ASN A 360 0.00 14.27 -25.05
CA ASN A 360 -0.17 15.68 -24.76
C ASN A 360 0.81 16.40 -25.66
N PHE A 361 0.43 17.57 -26.14
CA PHE A 361 1.25 18.30 -27.11
C PHE A 361 1.74 19.65 -26.58
N GLY A 362 1.89 19.75 -25.26
CA GLY A 362 2.49 20.96 -24.64
C GLY A 362 1.77 22.27 -24.88
N ILE A 363 2.52 23.30 -25.30
CA ILE A 363 1.92 24.58 -25.62
C ILE A 363 1.27 24.48 -27.01
N GLU A 364 -0.04 24.29 -27.01
CA GLU A 364 -0.73 23.83 -28.21
C GLU A 364 -0.72 24.83 -29.38
N SER A 365 -0.62 26.13 -29.09
CA SER A 365 -0.50 27.13 -30.16
C SER A 365 0.78 26.96 -30.97
N GLN A 366 1.74 26.21 -30.41
CA GLN A 366 3.05 26.00 -31.01
C GLN A 366 3.10 24.73 -31.85
N ILE A 367 1.98 24.03 -31.93
CA ILE A 367 1.96 22.71 -32.56
C ILE A 367 1.06 22.72 -33.77
N ASP A 368 1.52 22.05 -34.82
CA ASP A 368 0.78 21.99 -36.08
C ASP A 368 -0.43 21.08 -35.87
N VAL A 369 -1.62 21.60 -36.17
CA VAL A 369 -2.85 20.83 -35.99
C VAL A 369 -2.82 19.53 -36.82
N ARG A 370 -2.19 19.58 -38.00
CA ARG A 370 -2.07 18.39 -38.87
C ARG A 370 -1.17 17.32 -38.28
N TYR A 371 -0.17 17.73 -37.48
CA TYR A 371 0.65 16.78 -36.77
C TYR A 371 -0.15 16.10 -35.65
N VAL A 372 -0.98 16.88 -34.95
CA VAL A 372 -1.85 16.30 -33.89
C VAL A 372 -2.77 15.24 -34.53
N GLU A 373 -3.41 15.62 -35.64
CA GLU A 373 -4.33 14.71 -36.37
C GLU A 373 -3.62 13.43 -36.85
N LYS A 374 -2.40 13.58 -37.33
CA LYS A 374 -1.66 12.41 -37.76
C LYS A 374 -1.20 11.50 -36.59
N ILE A 375 -0.78 12.11 -35.50
CA ILE A 375 -0.30 11.35 -34.34
C ILE A 375 -1.44 10.54 -33.75
N VAL A 376 -2.57 11.20 -33.61
CA VAL A 376 -3.75 10.57 -33.00
C VAL A 376 -4.28 9.41 -33.85
N GLN A 377 -4.26 9.58 -35.17
CA GLN A 377 -4.66 8.49 -36.06
C GLN A 377 -3.63 7.34 -36.01
N THR A 378 -2.34 7.68 -35.89
CA THR A 378 -1.28 6.71 -36.10
C THR A 378 -0.98 5.81 -34.90
N LEU A 379 -0.94 6.40 -33.70
CA LEU A 379 -0.47 5.63 -32.54
C LEU A 379 -1.28 4.37 -32.24
N PRO A 380 -2.62 4.43 -32.35
CA PRO A 380 -3.33 3.19 -32.03
C PRO A 380 -3.06 2.02 -32.96
N TYR A 381 -2.60 2.30 -34.18
CA TYR A 381 -2.23 1.25 -35.11
C TYR A 381 -0.85 0.74 -34.74
N VAL A 382 0.11 1.64 -34.58
CA VAL A 382 1.52 1.23 -34.41
C VAL A 382 1.84 0.71 -33.02
N SER A 383 1.20 1.28 -32.00
CA SER A 383 1.43 0.90 -30.60
C SER A 383 0.39 -0.12 -30.15
N ASN A 384 -0.66 -0.29 -30.95
CA ASN A 384 -1.78 -1.24 -30.72
C ASN A 384 -2.82 -0.82 -29.68
N VAL A 385 -2.49 0.15 -28.84
CA VAL A 385 -3.34 0.43 -27.67
C VAL A 385 -4.14 1.70 -27.79
N PRO A 386 -5.20 1.84 -26.96
CA PRO A 386 -5.97 3.07 -26.98
C PRO A 386 -5.22 4.27 -26.42
N LEU A 387 -5.71 5.46 -26.74
CA LEU A 387 -5.12 6.68 -26.20
C LEU A 387 -6.00 7.40 -25.20
N SER A 388 -5.32 8.02 -24.23
CA SER A 388 -5.85 9.10 -23.41
C SER A 388 -5.43 10.45 -24.05
N LEU A 389 -6.39 11.15 -24.64
CA LEU A 389 -6.11 12.41 -25.35
C LEU A 389 -6.04 13.54 -24.35
N ASP A 390 -4.82 14.04 -24.15
CA ASP A 390 -4.54 15.02 -23.09
C ASP A 390 -4.38 16.40 -23.78
N ILE A 391 -5.52 17.03 -24.04
CA ILE A 391 -5.56 18.25 -24.85
C ILE A 391 -6.33 19.34 -24.13
N GLN A 392 -5.78 20.56 -24.15
CA GLN A 392 -6.41 21.69 -23.45
C GLN A 392 -7.39 22.49 -24.32
N ASN A 393 -6.99 22.82 -25.54
CA ASN A 393 -7.81 23.66 -26.43
C ASN A 393 -8.97 22.86 -26.99
N VAL A 394 -10.19 23.41 -26.89
CA VAL A 394 -11.38 22.67 -27.32
C VAL A 394 -11.39 22.46 -28.86
N ASP A 395 -10.87 23.42 -29.64
CA ASP A 395 -10.79 23.21 -31.09
C ASP A 395 -9.90 22.02 -31.48
N LEU A 396 -8.70 21.96 -30.90
CA LEU A 396 -7.77 20.88 -31.15
C LEU A 396 -8.36 19.56 -30.65
N THR A 397 -9.05 19.62 -29.51
CA THR A 397 -9.72 18.44 -28.97
C THR A 397 -10.72 17.90 -30.01
N GLU A 398 -11.50 18.79 -30.59
CA GLU A 398 -12.46 18.36 -31.60
C GLU A 398 -11.75 17.65 -32.75
N ARG A 399 -10.64 18.20 -33.24
CA ARG A 399 -9.87 17.62 -34.34
C ARG A 399 -9.42 16.21 -34.02
N ALA A 400 -8.86 16.06 -32.81
CA ALA A 400 -8.32 14.80 -32.33
C ALA A 400 -9.43 13.75 -32.17
N LEU A 401 -10.54 14.15 -31.56
CA LEU A 401 -11.67 13.22 -31.36
C LEU A 401 -12.30 12.76 -32.67
N ARG A 402 -12.43 13.68 -33.62
CA ARG A 402 -13.01 13.32 -34.94
C ARG A 402 -12.17 12.24 -35.59
N ALA A 403 -10.84 12.35 -35.46
CA ALA A 403 -9.90 11.46 -36.17
C ALA A 403 -9.41 10.23 -35.39
N TYR A 404 -9.93 10.05 -34.19
CA TYR A 404 -9.42 8.98 -33.34
C TYR A 404 -10.04 7.62 -33.71
N PRO A 405 -9.19 6.61 -34.01
CA PRO A 405 -9.64 5.27 -34.42
C PRO A 405 -10.06 4.37 -33.24
N GLY A 406 -11.23 4.66 -32.69
CA GLY A 406 -11.78 3.86 -31.58
C GLY A 406 -12.54 4.75 -30.65
N ARG A 407 -12.65 4.31 -29.40
CA ARG A 407 -13.29 5.06 -28.35
C ARG A 407 -12.22 5.54 -27.36
N SER A 408 -11.98 6.84 -27.33
CA SER A 408 -10.88 7.34 -26.51
C SER A 408 -11.24 7.67 -25.07
N LEU A 409 -10.20 7.97 -24.27
CA LEU A 409 -10.36 8.56 -22.95
C LEU A 409 -9.91 9.98 -23.12
N PHE A 410 -10.72 10.94 -22.71
CA PHE A 410 -10.33 12.34 -22.84
C PHE A 410 -9.84 12.91 -21.53
N ASN A 411 -8.61 13.45 -21.58
CA ASN A 411 -7.91 13.89 -20.36
C ASN A 411 -7.83 15.42 -20.34
N SER A 412 -9.00 15.95 -19.99
CA SER A 412 -9.65 16.03 -18.67
C SER A 412 -10.51 17.26 -18.57
N ALA A 413 -11.56 17.15 -17.78
CA ALA A 413 -12.37 18.31 -17.48
C ALA A 413 -12.40 18.54 -15.99
N LYS A 414 -12.27 19.81 -15.58
CA LYS A 414 -12.48 20.17 -14.20
C LYS A 414 -13.97 20.29 -13.93
N VAL A 415 -14.33 20.38 -12.65
CA VAL A 415 -15.73 20.56 -12.27
C VAL A 415 -16.12 22.02 -12.40
N ASP A 416 -16.42 22.38 -13.64
CA ASP A 416 -16.90 23.69 -14.01
C ASP A 416 -18.02 23.48 -15.01
N GLU A 417 -19.20 24.01 -14.71
CA GLU A 417 -20.37 23.84 -15.56
C GLU A 417 -20.03 24.02 -17.04
N GLU A 418 -19.37 25.13 -17.37
CA GLU A 418 -19.14 25.51 -18.76
C GLU A 418 -18.12 24.57 -19.43
N GLU A 419 -17.01 24.32 -18.74
CA GLU A 419 -15.99 23.44 -19.28
C GLU A 419 -16.50 22.00 -19.48
N LEU A 420 -17.18 21.49 -18.47
CA LEU A 420 -17.77 20.15 -18.52
C LEU A 420 -18.73 20.02 -19.70
N GLU A 421 -19.64 20.97 -19.84
CA GLU A 421 -20.59 20.86 -20.92
C GLU A 421 -19.98 20.86 -22.32
N MET A 422 -19.00 21.73 -22.55
CA MET A 422 -18.27 21.81 -23.82
C MET A 422 -17.58 20.47 -24.17
N LYS A 423 -16.92 19.89 -23.18
CA LYS A 423 -16.17 18.66 -23.39
C LYS A 423 -17.13 17.46 -23.51
N ILE A 424 -18.19 17.45 -22.70
CA ILE A 424 -19.21 16.41 -22.81
C ILE A 424 -19.84 16.40 -24.20
N ASN A 425 -20.15 17.59 -24.72
CA ASN A 425 -20.78 17.71 -26.02
C ASN A 425 -19.92 17.25 -27.17
N LEU A 426 -18.62 17.48 -27.08
CA LEU A 426 -17.71 16.97 -28.07
C LEU A 426 -17.68 15.45 -28.02
N LEU A 427 -17.67 14.89 -26.82
CA LEU A 427 -17.62 13.42 -26.65
C LEU A 427 -18.92 12.80 -27.12
N LYS A 428 -20.03 13.48 -26.87
CA LYS A 428 -21.33 12.97 -27.36
C LYS A 428 -21.40 12.88 -28.87
N LYS A 429 -20.76 13.83 -29.56
CA LYS A 429 -20.72 13.83 -31.01
C LYS A 429 -19.77 12.78 -31.61
N TYR A 430 -18.56 12.70 -31.06
CA TYR A 430 -17.51 11.93 -31.67
C TYR A 430 -17.17 10.63 -30.94
N GLY A 431 -17.82 10.39 -29.81
CA GLY A 431 -17.58 9.18 -29.00
C GLY A 431 -16.48 9.42 -27.96
N GLY A 432 -16.40 8.58 -26.95
CA GLY A 432 -15.34 8.70 -25.96
C GLY A 432 -15.79 8.79 -24.51
N THR A 433 -14.83 8.65 -23.63
CA THR A 433 -15.05 8.76 -22.20
C THR A 433 -14.19 9.92 -21.68
N LEU A 434 -14.46 10.31 -20.45
CA LEU A 434 -13.91 11.57 -19.89
C LEU A 434 -13.31 11.38 -18.51
N ILE A 435 -12.10 11.94 -18.30
CA ILE A 435 -11.58 12.04 -16.96
C ILE A 435 -12.13 13.35 -16.37
N VAL A 436 -12.78 13.25 -15.21
CA VAL A 436 -13.24 14.43 -14.50
C VAL A 436 -12.35 14.64 -13.29
N LEU A 437 -11.66 15.78 -13.30
CA LEU A 437 -10.74 16.16 -12.24
C LEU A 437 -11.49 16.96 -11.15
N LEU A 438 -11.34 16.54 -9.91
CA LEU A 438 -12.16 17.07 -8.80
C LEU A 438 -11.59 18.37 -8.24
N MET A 439 -11.61 19.42 -9.06
CA MET A 439 -11.28 20.78 -8.66
C MET A 439 -12.00 21.77 -9.57
N GLY A 440 -12.03 23.05 -9.22
CA GLY A 440 -12.77 24.00 -10.04
C GLY A 440 -12.38 25.45 -9.87
N LYS A 441 -13.30 26.22 -9.29
CA LYS A 441 -13.01 27.61 -8.90
C LYS A 441 -11.70 27.68 -8.13
N ASP A 442 -11.43 26.65 -7.33
CA ASP A 442 -10.14 26.47 -6.67
C ASP A 442 -9.73 25.02 -6.53
N VAL A 443 -8.49 24.81 -6.06
CA VAL A 443 -7.94 23.48 -5.79
C VAL A 443 -8.34 23.03 -4.38
N PRO A 444 -9.00 21.85 -4.25
CA PRO A 444 -9.45 21.36 -2.96
C PRO A 444 -8.30 21.05 -2.02
N LYS A 445 -8.56 21.14 -0.73
CA LYS A 445 -7.53 21.02 0.28
C LYS A 445 -7.93 20.02 1.36
N SER A 446 -9.01 19.28 1.10
CA SER A 446 -9.44 18.19 1.96
C SER A 446 -10.26 17.17 1.21
N PHE A 447 -10.52 16.06 1.89
CA PHE A 447 -11.47 15.06 1.44
C PHE A 447 -12.88 15.64 1.26
N GLU A 448 -13.36 16.40 2.24
CA GLU A 448 -14.70 16.98 2.17
C GLU A 448 -14.88 17.88 0.96
N GLU A 449 -13.87 18.71 0.67
CA GLU A 449 -13.90 19.57 -0.51
C GLU A 449 -13.94 18.77 -1.80
N ARG A 450 -13.15 17.69 -1.85
CA ARG A 450 -13.16 16.83 -3.03
C ARG A 450 -14.51 16.14 -3.21
N LYS A 451 -15.11 15.73 -2.09
CA LYS A 451 -16.43 15.11 -2.10
C LYS A 451 -17.51 16.07 -2.60
N GLU A 452 -17.39 17.35 -2.24
CA GLU A 452 -18.29 18.35 -2.76
C GLU A 452 -18.16 18.50 -4.27
N TYR A 453 -16.93 18.56 -4.77
CA TYR A 453 -16.73 18.60 -6.20
C TYR A 453 -17.27 17.34 -6.89
N PHE A 454 -17.07 16.17 -6.29
CA PHE A 454 -17.58 14.92 -6.86
C PHE A 454 -19.12 14.98 -7.02
N GLU A 455 -19.79 15.47 -5.98
CA GLU A 455 -21.26 15.58 -6.01
C GLU A 455 -21.76 16.64 -7.00
N LYS A 456 -21.05 17.76 -7.09
CA LYS A 456 -21.32 18.77 -8.11
C LYS A 456 -21.15 18.18 -9.50
N ALA A 457 -20.08 17.41 -9.68
CA ALA A 457 -19.88 16.72 -10.93
C ALA A 457 -21.01 15.77 -11.28
N LEU A 458 -21.42 14.95 -10.33
CA LEU A 458 -22.50 14.02 -10.60
C LEU A 458 -23.78 14.73 -11.02
N LYS A 459 -24.06 15.88 -10.43
CA LYS A 459 -25.26 16.66 -10.80
C LYS A 459 -25.17 17.11 -12.28
N ILE A 460 -24.02 17.68 -12.65
CA ILE A 460 -23.80 18.10 -14.05
C ILE A 460 -23.80 16.91 -15.03
N LEU A 461 -23.18 15.81 -14.63
CA LEU A 461 -23.18 14.59 -15.41
C LEU A 461 -24.59 14.02 -15.63
N GLU A 462 -25.39 13.97 -14.57
CA GLU A 462 -26.74 13.42 -14.66
C GLU A 462 -27.59 14.24 -15.63
N ARG A 463 -27.48 15.55 -15.52
CA ARG A 463 -28.18 16.49 -16.41
C ARG A 463 -27.83 16.33 -17.87
N HIS A 464 -26.62 15.88 -18.16
CA HIS A 464 -26.18 15.71 -19.53
C HIS A 464 -26.19 14.25 -19.93
N ASP A 465 -26.81 13.42 -19.08
CA ASP A 465 -26.92 11.98 -19.32
C ASP A 465 -25.56 11.35 -19.65
N PHE A 466 -24.55 11.67 -18.83
CA PHE A 466 -23.17 11.28 -19.13
C PHE A 466 -22.47 10.53 -18.00
N SER A 467 -23.21 10.14 -16.96
CA SER A 467 -22.65 9.53 -15.74
C SER A 467 -21.89 8.23 -15.96
N ASP A 468 -22.20 7.54 -17.05
CA ASP A 468 -21.61 6.23 -17.26
C ASP A 468 -20.35 6.32 -18.12
N ARG A 469 -19.90 7.54 -18.43
CA ARG A 469 -18.80 7.69 -19.36
C ARG A 469 -17.63 8.44 -18.72
N VAL A 470 -17.58 8.42 -17.40
CA VAL A 470 -16.52 9.13 -16.65
C VAL A 470 -15.64 8.27 -15.74
N ILE A 471 -14.39 8.68 -15.61
CA ILE A 471 -13.51 8.20 -14.57
C ILE A 471 -13.09 9.43 -13.77
N PHE A 472 -13.00 9.30 -12.44
CA PHE A 472 -12.69 10.45 -11.58
C PHE A 472 -11.24 10.50 -11.14
N ASP A 473 -10.67 11.70 -11.24
CA ASP A 473 -9.32 11.94 -10.80
C ASP A 473 -9.41 12.85 -9.58
N PRO A 474 -9.08 12.30 -8.40
CA PRO A 474 -9.26 13.09 -7.18
C PRO A 474 -8.30 14.26 -7.05
N GLY A 475 -7.27 14.32 -7.90
CA GLY A 475 -6.34 15.43 -7.91
C GLY A 475 -5.21 15.26 -6.88
N VAL A 476 -4.17 14.54 -7.30
CA VAL A 476 -2.93 14.40 -6.54
C VAL A 476 -2.12 15.71 -6.61
N LEU A 477 -1.77 16.22 -5.43
CA LEU A 477 -1.00 17.45 -5.32
C LEU A 477 0.40 17.10 -4.81
N PRO A 478 1.41 17.93 -5.15
CA PRO A 478 2.80 17.65 -4.79
C PRO A 478 2.98 17.59 -3.28
N LEU A 479 3.71 16.60 -2.81
CA LEU A 479 4.01 16.47 -1.39
C LEU A 479 4.65 17.73 -0.81
N GLY A 480 5.63 18.28 -1.54
CA GLY A 480 6.37 19.47 -1.12
C GLY A 480 5.59 20.77 -1.24
N ALA A 481 4.37 20.69 -1.76
CA ALA A 481 3.47 21.84 -1.80
C ALA A 481 2.23 21.58 -0.94
N GLU A 482 2.44 21.03 0.25
CA GLU A 482 1.35 20.65 1.16
C GLU A 482 0.23 19.87 0.47
N GLY A 483 0.64 18.81 -0.23
CA GLY A 483 -0.25 17.98 -1.03
C GLY A 483 -1.27 17.15 -0.28
N LYS A 484 -0.98 16.81 0.98
CA LYS A 484 -1.91 16.04 1.83
C LYS A 484 -2.51 14.78 1.17
N PRO A 485 -1.65 13.85 0.73
CA PRO A 485 -2.11 12.65 0.01
C PRO A 485 -3.08 11.77 0.76
N VAL A 486 -3.08 11.79 2.09
CA VAL A 486 -4.10 11.05 2.84
C VAL A 486 -5.50 11.45 2.38
N GLU A 487 -5.66 12.74 2.08
CA GLU A 487 -6.97 13.28 1.67
C GLU A 487 -7.37 12.72 0.30
N VAL A 488 -6.39 12.54 -0.58
CA VAL A 488 -6.60 11.91 -1.88
C VAL A 488 -6.97 10.43 -1.71
N LEU A 489 -6.27 9.73 -0.82
CA LEU A 489 -6.55 8.31 -0.57
C LEU A 489 -7.96 8.09 -0.05
N LYS A 490 -8.40 8.96 0.86
CA LYS A 490 -9.79 8.97 1.34
C LYS A 490 -10.78 9.15 0.20
N THR A 491 -10.46 10.08 -0.71
CA THR A 491 -11.30 10.38 -1.87
C THR A 491 -11.38 9.18 -2.81
N ILE A 492 -10.24 8.56 -3.11
CA ILE A 492 -10.23 7.30 -3.89
C ILE A 492 -11.17 6.25 -3.30
N GLU A 493 -11.06 6.04 -1.99
CA GLU A 493 -11.83 4.99 -1.35
C GLU A 493 -13.31 5.32 -1.48
N PHE A 494 -13.64 6.60 -1.26
CA PHE A 494 -15.01 7.08 -1.36
C PHE A 494 -15.59 6.91 -2.75
N ILE A 495 -14.82 7.32 -3.78
CA ILE A 495 -15.35 7.22 -5.16
C ILE A 495 -15.50 5.74 -5.59
N SER A 496 -14.55 4.90 -5.17
CA SER A 496 -14.60 3.45 -5.49
C SER A 496 -15.85 2.84 -4.90
N SER A 497 -16.16 3.25 -3.66
CA SER A 497 -17.31 2.74 -2.93
C SER A 497 -18.64 3.07 -3.62
N LYS A 498 -18.62 4.15 -4.41
CA LYS A 498 -19.76 4.59 -5.19
C LYS A 498 -19.86 3.93 -6.58
N GLY A 499 -18.89 3.07 -6.90
CA GLY A 499 -18.89 2.29 -8.14
C GLY A 499 -18.28 2.97 -9.34
N PHE A 500 -17.50 4.02 -9.12
CA PHE A 500 -16.86 4.71 -10.24
C PHE A 500 -15.40 4.35 -10.32
N ASN A 501 -14.89 4.26 -11.54
CA ASN A 501 -13.46 4.18 -11.74
C ASN A 501 -12.77 5.47 -11.35
N THR A 502 -11.49 5.33 -11.03
CA THR A 502 -10.65 6.43 -10.60
C THR A 502 -9.32 6.38 -11.32
N THR A 503 -8.67 7.54 -11.42
CA THR A 503 -7.32 7.56 -11.93
C THR A 503 -6.59 8.67 -11.18
N VAL A 504 -5.26 8.70 -11.28
CA VAL A 504 -4.50 9.84 -10.76
C VAL A 504 -3.37 10.17 -11.71
N GLY A 505 -2.96 11.42 -11.68
CA GLY A 505 -1.71 11.83 -12.35
C GLY A 505 -0.59 11.56 -11.37
N LEU A 506 -0.06 10.33 -11.38
CA LEU A 506 0.72 9.84 -10.25
C LEU A 506 1.96 10.68 -10.00
N SER A 507 2.65 11.03 -11.08
CA SER A 507 3.94 11.67 -10.94
C SER A 507 3.87 13.08 -10.31
N ASN A 508 2.69 13.71 -10.33
CA ASN A 508 2.47 14.99 -9.64
C ASN A 508 2.80 14.97 -8.16
N LEU A 509 2.65 13.80 -7.54
CA LEU A 509 2.87 13.63 -6.09
C LEU A 509 4.29 14.00 -5.71
N SER A 510 5.23 13.58 -6.55
CA SER A 510 6.63 13.63 -6.17
C SER A 510 7.38 14.70 -6.93
N PHE A 511 6.64 15.59 -7.59
CA PHE A 511 7.26 16.70 -8.30
C PHE A 511 8.03 17.56 -7.30
N GLY A 512 9.30 17.80 -7.63
CA GLY A 512 10.19 18.64 -6.82
C GLY A 512 10.81 17.91 -5.64
N LEU A 513 10.90 16.58 -5.73
CA LEU A 513 11.43 15.75 -4.66
C LEU A 513 12.49 14.81 -5.19
N PRO A 514 13.50 14.48 -4.36
CA PRO A 514 14.39 13.39 -4.75
C PRO A 514 13.66 12.08 -4.48
N ASP A 515 14.21 10.97 -4.96
CA ASP A 515 13.60 9.65 -4.73
C ASP A 515 12.11 9.58 -5.08
N ARG A 516 11.73 10.29 -6.15
CA ARG A 516 10.33 10.29 -6.57
C ARG A 516 9.78 8.90 -6.84
N SER A 517 10.61 8.00 -7.35
CA SER A 517 10.17 6.63 -7.63
C SER A 517 9.55 5.97 -6.41
N TYR A 518 10.12 6.25 -5.23
CA TYR A 518 9.69 5.61 -4.02
C TYR A 518 8.40 6.19 -3.49
N TYR A 519 8.24 7.51 -3.63
CA TYR A 519 6.99 8.20 -3.27
C TYR A 519 5.89 7.73 -4.21
N ASN A 520 6.18 7.72 -5.52
CA ASN A 520 5.20 7.23 -6.51
C ASN A 520 4.76 5.79 -6.24
N THR A 521 5.73 4.92 -5.94
CA THR A 521 5.45 3.51 -5.63
C THR A 521 4.60 3.37 -4.37
N ALA A 522 5.06 4.00 -3.28
CA ALA A 522 4.27 3.96 -2.04
C ALA A 522 2.85 4.47 -2.25
N PHE A 523 2.74 5.59 -2.95
CA PHE A 523 1.40 6.12 -3.17
C PHE A 523 0.54 5.19 -4.02
N LEU A 524 1.11 4.63 -5.08
CA LEU A 524 0.33 3.76 -5.97
C LEU A 524 -0.18 2.54 -5.21
N VAL A 525 0.70 1.91 -4.43
CA VAL A 525 0.29 0.76 -3.62
C VAL A 525 -0.87 1.13 -2.70
N LEU A 526 -0.72 2.22 -1.95
CA LEU A 526 -1.80 2.67 -1.07
C LEU A 526 -3.08 2.95 -1.84
N GLY A 527 -2.96 3.62 -2.99
CA GLY A 527 -4.15 3.96 -3.79
C GLY A 527 -4.87 2.70 -4.24
N ILE A 528 -4.11 1.72 -4.70
CA ILE A 528 -4.73 0.48 -5.18
C ILE A 528 -5.49 -0.20 -4.03
N SER A 529 -4.93 -0.10 -2.81
CA SER A 529 -5.57 -0.74 -1.66
C SER A 529 -6.91 -0.11 -1.33
N LYS A 530 -7.12 1.12 -1.80
CA LYS A 530 -8.34 1.91 -1.56
C LYS A 530 -9.33 1.81 -2.75
N GLY A 531 -8.92 1.11 -3.80
CA GLY A 531 -9.77 0.89 -4.97
C GLY A 531 -9.37 1.62 -6.24
N LEU A 532 -8.22 2.31 -6.21
CA LEU A 532 -7.74 3.04 -7.41
C LEU A 532 -7.70 2.10 -8.61
N SER A 533 -8.35 2.49 -9.69
CA SER A 533 -8.50 1.55 -10.82
C SER A 533 -7.58 1.75 -11.98
N SER A 534 -6.83 2.84 -11.95
CA SER A 534 -5.88 3.15 -13.01
C SER A 534 -4.98 4.27 -12.53
N ALA A 535 -3.93 4.54 -13.30
CA ALA A 535 -3.07 5.67 -13.02
C ALA A 535 -2.34 6.08 -14.26
N ILE A 536 -2.16 7.39 -14.43
CA ILE A 536 -1.25 7.92 -15.43
C ILE A 536 0.11 7.94 -14.75
N MET A 537 1.06 7.21 -15.31
CA MET A 537 2.25 6.82 -14.55
C MET A 537 3.36 6.45 -15.52
N ASN A 538 4.59 6.32 -14.99
CA ASN A 538 5.75 6.00 -15.80
C ASN A 538 6.02 4.49 -15.87
N PRO A 539 5.67 3.84 -17.00
CA PRO A 539 5.84 2.38 -17.10
C PRO A 539 7.31 1.96 -17.25
N LEU A 540 8.19 2.93 -17.48
CA LEU A 540 9.62 2.68 -17.60
C LEU A 540 10.32 2.69 -16.24
N ASP A 541 9.59 3.11 -15.20
CA ASP A 541 10.05 2.99 -13.80
C ASP A 541 9.90 1.53 -13.36
N GLU A 542 11.03 0.83 -13.38
CA GLU A 542 11.05 -0.60 -13.11
C GLU A 542 10.63 -0.95 -11.68
N THR A 543 11.05 -0.16 -10.70
CA THR A 543 10.62 -0.38 -9.30
C THR A 543 9.11 -0.20 -9.18
N LEU A 544 8.58 0.88 -9.76
CA LEU A 544 7.15 1.16 -9.74
C LEU A 544 6.34 0.00 -10.32
N MET A 545 6.76 -0.46 -11.50
CA MET A 545 6.04 -1.52 -12.20
C MET A 545 6.15 -2.88 -11.50
N LYS A 546 7.33 -3.24 -11.02
CA LYS A 546 7.50 -4.51 -10.31
C LYS A 546 6.72 -4.53 -8.99
N THR A 547 6.76 -3.41 -8.27
CA THR A 547 5.97 -3.31 -7.03
C THR A 547 4.48 -3.33 -7.34
N LEU A 548 4.07 -2.68 -8.43
CA LEU A 548 2.66 -2.76 -8.85
C LEU A 548 2.25 -4.21 -9.07
N ASN A 549 3.05 -4.93 -9.86
CA ASN A 549 2.71 -6.33 -10.14
C ASN A 549 2.60 -7.12 -8.85
N ALA A 550 3.59 -6.95 -7.98
CA ALA A 550 3.60 -7.63 -6.67
C ALA A 550 2.35 -7.28 -5.88
N THR A 551 1.95 -6.00 -5.90
CA THR A 551 0.74 -5.56 -5.21
C THR A 551 -0.54 -6.27 -5.71
N LEU A 552 -0.69 -6.37 -7.03
CA LEU A 552 -1.84 -7.05 -7.63
C LEU A 552 -1.89 -8.53 -7.28
N VAL A 553 -0.73 -9.19 -7.28
CA VAL A 553 -0.64 -10.61 -6.90
C VAL A 553 -1.08 -10.77 -5.44
N ILE A 554 -0.47 -9.97 -4.56
CA ILE A 554 -0.82 -9.98 -3.14
C ILE A 554 -2.31 -9.80 -2.91
N LEU A 555 -2.94 -8.83 -3.58
CA LEU A 555 -4.37 -8.54 -3.38
C LEU A 555 -5.35 -9.44 -4.19
N GLU A 556 -4.80 -10.49 -4.81
CA GLU A 556 -5.58 -11.52 -5.51
C GLU A 556 -6.25 -11.00 -6.79
N LYS A 557 -5.64 -10.00 -7.40
CA LYS A 557 -6.14 -9.42 -8.64
C LYS A 557 -5.44 -10.04 -9.85
N LYS A 558 -4.39 -10.82 -9.61
CA LYS A 558 -3.73 -11.58 -10.68
C LYS A 558 -2.65 -12.59 -10.24
N GLU A 559 -2.22 -13.40 -11.22
CA GLU A 559 -0.87 -13.97 -11.32
C GLU A 559 -0.32 -14.91 -10.25
N LEU A 560 1.01 -14.95 -10.20
CA LEU A 560 1.77 -16.06 -9.62
C LEU A 560 1.98 -15.99 -8.10
N MET B 1 13.70 -8.73 62.00
CA MET B 1 13.61 -8.91 60.52
C MET B 1 12.17 -8.69 60.05
N ARG B 2 11.93 -7.56 59.40
CA ARG B 2 10.66 -7.32 58.70
C ARG B 2 10.72 -7.84 57.27
N ASN B 3 9.62 -8.42 56.80
CA ASN B 3 9.52 -8.80 55.40
C ASN B 3 8.94 -7.68 54.52
N ARG B 4 8.91 -7.90 53.22
CA ARG B 4 8.51 -6.82 52.31
C ARG B 4 7.05 -6.39 52.42
N ARG B 5 6.19 -7.30 52.84
CA ARG B 5 4.78 -7.00 53.07
C ARG B 5 4.62 -6.03 54.24
N GLU B 6 5.39 -6.30 55.30
CA GLU B 6 5.48 -5.44 56.48
C GLU B 6 6.03 -4.05 56.17
N VAL B 7 7.12 -4.00 55.40
CA VAL B 7 7.72 -2.73 55.08
C VAL B 7 6.80 -1.93 54.14
N SER B 8 6.20 -2.61 53.16
CA SER B 8 5.28 -1.95 52.23
C SER B 8 4.09 -1.33 52.98
N LYS B 9 3.54 -2.08 53.93
CA LYS B 9 2.42 -1.63 54.77
C LYS B 9 2.76 -0.32 55.48
N LEU B 10 3.94 -0.29 56.11
CA LEU B 10 4.46 0.92 56.74
C LEU B 10 4.59 2.09 55.76
N LEU B 11 5.15 1.83 54.58
CA LEU B 11 5.35 2.90 53.58
C LEU B 11 4.04 3.43 53.06
N SER B 12 3.05 2.56 52.88
CA SER B 12 1.71 3.00 52.50
C SER B 12 1.07 3.96 53.52
N GLU B 13 1.47 3.83 54.79
CA GLU B 13 0.96 4.68 55.88
C GLU B 13 1.75 5.97 56.05
N ARG B 14 3.07 5.92 55.83
CA ARG B 14 3.87 7.11 56.08
C ARG B 14 5.10 7.24 55.20
N VAL B 15 5.35 8.46 54.72
CA VAL B 15 6.63 8.82 54.12
C VAL B 15 7.74 8.70 55.19
N LEU B 16 8.73 7.86 54.90
CA LEU B 16 9.84 7.60 55.81
C LEU B 16 11.09 8.40 55.49
N LEU B 17 11.89 8.63 56.53
CA LEU B 17 13.18 9.29 56.42
C LEU B 17 14.29 8.23 56.43
N LEU B 18 15.17 8.28 55.42
CA LEU B 18 16.43 7.55 55.48
C LEU B 18 17.45 8.37 56.29
N ASP B 19 18.72 7.97 56.25
CA ASP B 19 19.79 8.67 56.94
C ASP B 19 20.58 9.53 55.95
N GLY B 20 21.66 10.16 56.42
CA GLY B 20 22.56 10.91 55.55
C GLY B 20 23.74 10.10 55.09
N ALA B 21 24.84 10.77 54.81
CA ALA B 21 26.06 10.09 54.37
C ALA B 21 26.84 9.44 55.49
N TYR B 22 27.57 8.38 55.13
CA TYR B 22 28.53 7.74 56.00
C TYR B 22 29.98 7.99 55.57
N GLY B 23 30.30 7.67 54.32
CA GLY B 23 31.67 7.78 53.82
C GLY B 23 32.25 9.17 54.06
N THR B 24 31.51 10.19 53.63
CA THR B 24 31.94 11.57 53.86
C THR B 24 31.93 12.01 55.35
N GLU B 25 31.07 11.41 56.17
CA GLU B 25 31.08 11.67 57.62
C GLU B 25 32.31 11.07 58.30
N PHE B 26 32.66 9.83 57.93
CA PHE B 26 33.82 9.18 58.52
C PHE B 26 35.09 9.94 58.15
N MET B 27 35.16 10.44 56.92
CA MET B 27 36.34 11.19 56.45
C MET B 27 36.54 12.46 57.26
N LYS B 28 35.41 13.13 57.55
CA LYS B 28 35.35 14.41 58.24
C LYS B 28 35.73 14.30 59.71
N TYR B 29 35.46 13.14 60.30
CA TYR B 29 35.87 12.82 61.68
C TYR B 29 37.34 12.35 61.74
N GLY B 30 38.03 12.35 60.60
CA GLY B 30 39.45 12.00 60.55
C GLY B 30 39.80 10.57 60.17
N TYR B 31 38.78 9.76 59.89
CA TYR B 31 38.97 8.36 59.48
C TYR B 31 39.15 8.25 57.98
N ASP B 32 40.40 8.10 57.55
CA ASP B 32 40.69 7.98 56.12
C ASP B 32 40.71 6.54 55.62
N ASP B 33 40.46 5.59 56.51
CA ASP B 33 40.31 4.18 56.13
C ASP B 33 39.07 3.97 55.27
N LEU B 34 38.97 2.85 54.55
CA LEU B 34 37.74 2.51 53.85
C LEU B 34 36.63 2.46 54.90
N PRO B 35 35.47 3.07 54.61
CA PRO B 35 34.43 3.10 55.64
C PRO B 35 34.11 1.69 56.15
N GLU B 36 34.02 0.74 55.24
CA GLU B 36 33.70 -0.65 55.59
C GLU B 36 34.69 -1.27 56.59
N GLU B 37 35.96 -0.86 56.52
CA GLU B 37 36.95 -1.37 57.46
C GLU B 37 36.66 -0.99 58.88
N LEU B 38 35.99 0.15 59.07
CA LEU B 38 35.70 0.62 60.41
C LEU B 38 34.77 -0.31 61.18
N ASN B 39 34.01 -1.15 60.46
CA ASN B 39 33.18 -2.16 61.13
C ASN B 39 34.04 -3.13 61.93
N ILE B 40 35.31 -3.28 61.54
CA ILE B 40 36.24 -4.13 62.28
C ILE B 40 37.15 -3.25 63.16
N LYS B 41 37.66 -2.16 62.60
CA LYS B 41 38.72 -1.39 63.26
C LYS B 41 38.22 -0.31 64.23
N ALA B 42 37.01 0.18 64.02
CA ALA B 42 36.44 1.25 64.86
C ALA B 42 34.92 1.13 64.91
N PRO B 43 34.39 0.01 65.45
CA PRO B 43 32.93 -0.21 65.45
C PRO B 43 32.15 0.81 66.23
N ASP B 44 32.79 1.39 67.26
CA ASP B 44 32.09 2.37 68.06
C ASP B 44 31.81 3.67 67.25
N VAL B 45 32.64 3.96 66.25
CA VAL B 45 32.43 5.17 65.44
C VAL B 45 31.25 4.93 64.48
N VAL B 46 31.18 3.72 63.94
CA VAL B 46 30.05 3.33 63.07
C VAL B 46 28.76 3.39 63.88
N LEU B 47 28.79 2.81 65.08
CA LEU B 47 27.65 2.84 65.98
C LEU B 47 27.22 4.29 66.28
N LYS B 48 28.19 5.15 66.57
CA LYS B 48 27.92 6.58 66.86
C LYS B 48 27.18 7.28 65.72
N VAL B 49 27.68 7.08 64.50
CA VAL B 49 27.09 7.76 63.37
C VAL B 49 25.69 7.26 63.13
N HIS B 50 25.47 5.94 63.20
CA HIS B 50 24.10 5.43 63.02
C HIS B 50 23.18 6.07 64.06
N ARG B 51 23.63 6.05 65.31
CA ARG B 51 22.84 6.56 66.41
C ARG B 51 22.51 8.03 66.18
N SER B 52 23.47 8.82 65.71
CA SER B 52 23.17 10.24 65.43
C SER B 52 22.06 10.43 64.40
N TYR B 53 22.00 9.56 63.39
CA TYR B 53 20.94 9.66 62.39
C TYR B 53 19.61 9.22 62.99
N ILE B 54 19.63 8.16 63.81
CA ILE B 54 18.37 7.72 64.47
C ILE B 54 17.83 8.87 65.34
N GLU B 55 18.72 9.49 66.11
CA GLU B 55 18.33 10.59 67.00
C GLU B 55 17.78 11.77 66.21
N SER B 56 18.33 11.96 65.01
CA SER B 56 17.96 13.09 64.15
C SER B 56 16.64 12.87 63.43
N GLY B 57 16.13 11.64 63.49
CA GLY B 57 14.83 11.34 62.95
C GLY B 57 14.75 10.27 61.86
N SER B 58 15.87 9.63 61.49
CA SER B 58 15.81 8.57 60.48
C SER B 58 14.92 7.41 60.93
N ASP B 59 14.04 6.97 60.03
CA ASP B 59 13.21 5.80 60.24
C ASP B 59 13.91 4.53 59.76
N VAL B 60 14.92 4.74 58.92
CA VAL B 60 15.65 3.65 58.25
C VAL B 60 17.13 4.05 58.27
N ILE B 61 18.03 3.10 58.60
CA ILE B 61 19.48 3.35 58.41
C ILE B 61 20.06 2.30 57.49
N LEU B 62 21.14 2.68 56.83
CA LEU B 62 21.85 1.82 55.88
C LEU B 62 23.01 1.18 56.60
N THR B 63 23.23 -0.11 56.34
CA THR B 63 24.43 -0.73 56.89
C THR B 63 25.68 -0.16 56.23
N ASN B 64 26.77 -0.17 56.99
CA ASN B 64 28.04 0.41 56.52
C ASN B 64 28.80 -0.56 55.61
N THR B 65 28.21 -0.85 54.44
CA THR B 65 28.67 -1.95 53.57
C THR B 65 28.67 -1.55 52.09
N PHE B 66 28.61 -0.25 51.83
CA PHE B 66 28.49 0.24 50.47
C PHE B 66 29.52 -0.40 49.54
N GLY B 67 30.77 -0.53 50.01
CA GLY B 67 31.81 -1.13 49.18
C GLY B 67 32.09 -2.60 49.46
N ALA B 68 31.20 -3.23 50.23
CA ALA B 68 31.45 -4.58 50.75
C ALA B 68 30.92 -5.68 49.83
N THR B 69 31.51 -5.84 48.65
CA THR B 69 31.29 -7.06 47.88
C THR B 69 32.63 -7.61 47.49
N ARG B 70 32.66 -8.89 47.13
CA ARG B 70 33.91 -9.57 46.83
C ARG B 70 34.69 -8.85 45.72
N MET B 71 34.01 -8.53 44.61
CA MET B 71 34.71 -7.87 43.51
C MET B 71 35.25 -6.49 43.86
N LYS B 72 34.56 -5.74 44.72
CA LYS B 72 35.08 -4.45 45.09
C LYS B 72 36.20 -4.57 46.14
N LEU B 73 36.02 -5.41 47.13
CA LEU B 73 37.05 -5.58 48.16
C LEU B 73 38.36 -6.14 47.63
N ARG B 74 38.28 -6.98 46.61
CA ARG B 74 39.46 -7.57 45.96
C ARG B 74 40.42 -6.49 45.44
N LYS B 75 39.88 -5.34 45.07
CA LYS B 75 40.70 -4.24 44.56
C LYS B 75 41.50 -3.52 45.64
N HIS B 76 41.21 -3.86 46.90
CA HIS B 76 41.84 -3.27 48.06
C HIS B 76 42.57 -4.31 48.92
N GLY B 77 42.72 -5.52 48.41
CA GLY B 77 43.30 -6.64 49.18
C GLY B 77 42.47 -7.10 50.38
N LEU B 78 41.16 -6.84 50.35
CA LEU B 78 40.29 -7.11 51.51
C LEU B 78 39.21 -8.17 51.33
N GLU B 79 39.26 -8.96 50.27
CA GLU B 79 38.14 -9.89 50.00
C GLU B 79 37.95 -10.94 51.09
N ASP B 80 39.04 -11.30 51.78
CA ASP B 80 38.98 -12.27 52.86
C ASP B 80 38.30 -11.69 54.12
N LYS B 81 38.06 -10.39 54.12
CA LYS B 81 37.38 -9.76 55.25
C LYS B 81 35.91 -9.48 54.93
N LEU B 82 35.43 -9.93 53.77
CA LEU B 82 34.02 -9.71 53.39
C LEU B 82 33.06 -10.12 54.49
N ASP B 83 33.21 -11.37 54.92
CA ASP B 83 32.29 -11.90 55.88
C ASP B 83 32.25 -11.09 57.20
N PRO B 84 33.40 -10.91 57.92
CA PRO B 84 33.36 -10.10 59.13
C PRO B 84 32.94 -8.64 58.93
N ILE B 85 33.32 -8.05 57.80
CA ILE B 85 32.91 -6.67 57.49
C ILE B 85 31.39 -6.57 57.44
N VAL B 86 30.73 -7.49 56.74
CA VAL B 86 29.30 -7.37 56.53
C VAL B 86 28.55 -7.77 57.81
N ARG B 87 28.95 -8.88 58.44
CA ARG B 87 28.28 -9.31 59.68
C ARG B 87 28.42 -8.28 60.77
N ASN B 88 29.62 -7.73 60.96
CA ASN B 88 29.76 -6.67 61.96
C ASN B 88 28.89 -5.46 61.59
N ALA B 89 28.88 -5.08 60.31
CA ALA B 89 28.06 -3.94 59.87
C ALA B 89 26.59 -4.12 60.25
N VAL B 90 26.04 -5.33 60.01
CA VAL B 90 24.62 -5.53 60.29
C VAL B 90 24.39 -5.49 61.81
N ARG B 91 25.28 -6.16 62.55
CA ARG B 91 25.17 -6.22 64.02
C ARG B 91 25.21 -4.84 64.67
N ILE B 92 26.12 -3.99 64.20
CA ILE B 92 26.23 -2.60 64.66
C ILE B 92 25.00 -1.77 64.29
N ALA B 93 24.54 -1.90 63.05
CA ALA B 93 23.37 -1.13 62.61
C ALA B 93 22.16 -1.55 63.46
N ARG B 94 22.03 -2.85 63.72
CA ARG B 94 20.87 -3.34 64.50
C ARG B 94 20.91 -2.80 65.95
N ARG B 95 22.11 -2.75 66.52
CA ARG B 95 22.31 -2.20 67.88
C ARG B 95 21.85 -0.73 67.91
N ALA B 96 22.15 0.00 66.83
CA ALA B 96 21.81 1.43 66.77
C ALA B 96 20.33 1.70 66.52
N ALA B 97 19.68 0.81 65.78
CA ALA B 97 18.37 1.09 65.19
C ALA B 97 17.23 0.94 66.17
N GLY B 98 17.39 0.05 67.13
CA GLY B 98 16.30 -0.31 68.04
C GLY B 98 15.17 -0.94 67.24
N GLU B 99 14.02 -0.28 67.22
CA GLU B 99 12.86 -0.78 66.49
C GLU B 99 12.85 -0.28 65.04
N LYS B 100 13.77 0.62 64.72
CA LYS B 100 13.81 1.21 63.37
C LYS B 100 14.34 0.22 62.32
N LEU B 101 14.12 0.55 61.06
CA LEU B 101 14.44 -0.34 59.96
C LEU B 101 15.94 -0.30 59.66
N VAL B 102 16.49 -1.44 59.29
CA VAL B 102 17.90 -1.54 58.86
C VAL B 102 17.94 -2.13 57.45
N PHE B 103 18.50 -1.40 56.51
CA PHE B 103 18.59 -1.87 55.14
C PHE B 103 20.02 -2.25 54.84
N GLY B 104 20.23 -3.45 54.29
CA GLY B 104 21.58 -3.80 53.81
C GLY B 104 21.92 -3.00 52.56
N ASP B 105 23.01 -2.24 52.65
CA ASP B 105 23.44 -1.30 51.61
C ASP B 105 24.52 -1.92 50.71
N ILE B 106 24.21 -1.99 49.43
CA ILE B 106 25.19 -2.55 48.48
C ILE B 106 25.34 -1.59 47.31
N GLY B 107 26.58 -1.17 47.07
CA GLY B 107 26.90 -0.34 45.92
C GLY B 107 27.51 -1.16 44.79
N PRO B 108 27.81 -0.50 43.68
CA PRO B 108 28.36 -1.20 42.52
C PRO B 108 29.86 -1.53 42.68
N THR B 109 30.38 -2.38 41.79
CA THR B 109 31.74 -2.90 41.93
C THR B 109 32.81 -1.98 41.34
N GLY B 110 32.41 -1.06 40.46
CA GLY B 110 33.40 -0.22 39.78
C GLY B 110 33.94 -0.92 38.54
N GLU B 111 33.45 -2.14 38.26
CA GLU B 111 33.77 -2.88 37.04
C GLU B 111 32.69 -2.69 35.98
N LEU B 112 33.11 -2.33 34.75
CA LEU B 112 32.17 -2.19 33.64
C LEU B 112 31.86 -3.55 33.02
N PRO B 113 30.63 -3.72 32.50
CA PRO B 113 30.28 -4.98 31.86
C PRO B 113 31.07 -5.12 30.57
N TYR B 114 31.43 -6.36 30.22
CA TYR B 114 31.89 -6.70 28.87
C TYR B 114 30.83 -6.19 27.87
N PRO B 115 31.25 -5.55 26.77
CA PRO B 115 32.62 -5.32 26.31
C PRO B 115 33.27 -3.99 26.72
N LEU B 116 32.56 -3.15 27.49
CA LEU B 116 33.16 -1.90 27.97
C LEU B 116 34.29 -2.16 28.96
N GLY B 117 34.14 -3.24 29.73
CA GLY B 117 35.15 -3.81 30.60
C GLY B 117 35.22 -5.28 30.29
N SER B 118 35.45 -6.10 31.30
CA SER B 118 35.65 -7.52 31.04
C SER B 118 34.68 -8.45 31.77
N THR B 119 33.70 -7.88 32.48
CA THR B 119 32.89 -8.68 33.39
C THR B 119 31.61 -9.13 32.71
N LEU B 120 31.36 -10.42 32.79
CA LEU B 120 30.13 -10.97 32.31
C LEU B 120 29.08 -10.92 33.39
N PHE B 121 27.81 -10.98 32.97
CA PHE B 121 26.64 -10.95 33.85
C PHE B 121 26.73 -11.95 35.04
N GLU B 122 27.10 -13.20 34.73
CA GLU B 122 27.15 -14.22 35.76
C GLU B 122 28.14 -13.88 36.89
N GLU B 123 29.23 -13.19 36.57
CA GLU B 123 30.22 -12.85 37.58
C GLU B 123 29.63 -11.79 38.53
N PHE B 124 28.92 -10.81 37.97
CA PHE B 124 28.25 -9.81 38.79
C PHE B 124 27.23 -10.50 39.68
N TYR B 125 26.43 -11.40 39.10
CA TYR B 125 25.39 -12.09 39.80
C TYR B 125 25.95 -12.81 41.02
N GLU B 126 27.00 -13.61 40.82
CA GLU B 126 27.61 -14.33 41.93
C GLU B 126 28.13 -13.37 43.02
N ASN B 127 28.69 -12.25 42.58
CA ASN B 127 29.25 -11.25 43.48
C ASN B 127 28.16 -10.70 44.39
N PHE B 128 27.05 -10.25 43.84
CA PHE B 128 25.99 -9.71 44.72
C PHE B 128 25.30 -10.77 45.57
N ARG B 129 25.13 -11.94 44.99
CA ARG B 129 24.49 -13.03 45.72
C ARG B 129 25.21 -13.29 47.06
N GLU B 130 26.53 -13.36 47.03
CA GLU B 130 27.31 -13.66 48.24
C GLU B 130 27.04 -12.63 49.36
N THR B 131 27.09 -11.34 49.03
CA THR B 131 26.80 -10.30 50.03
C THR B 131 25.35 -10.31 50.52
N VAL B 132 24.40 -10.49 49.63
CA VAL B 132 23.00 -10.58 50.05
C VAL B 132 22.78 -11.75 51.01
N GLU B 133 23.34 -12.92 50.74
CA GLU B 133 23.21 -14.04 51.67
C GLU B 133 23.66 -13.65 53.06
N ILE B 134 24.83 -13.03 53.21
CA ILE B 134 25.32 -12.69 54.54
C ILE B 134 24.36 -11.71 55.21
N MET B 135 23.91 -10.69 54.44
CA MET B 135 22.98 -9.70 55.03
C MET B 135 21.66 -10.32 55.49
N VAL B 136 21.11 -11.20 54.66
CA VAL B 136 19.86 -11.86 55.00
C VAL B 136 20.05 -12.73 56.25
N GLU B 137 21.15 -13.49 56.28
CA GLU B 137 21.46 -14.28 57.49
C GLU B 137 21.48 -13.45 58.76
N GLU B 138 22.09 -12.26 58.67
CA GLU B 138 22.22 -11.42 59.85
C GLU B 138 20.97 -10.62 60.17
N GLY B 139 19.98 -10.65 59.29
CA GLY B 139 18.66 -10.14 59.64
C GLY B 139 18.32 -8.72 59.25
N VAL B 140 18.62 -8.33 58.01
CA VAL B 140 18.23 -7.00 57.56
C VAL B 140 16.72 -6.88 57.28
N ASP B 141 16.19 -5.66 57.32
CA ASP B 141 14.79 -5.37 56.94
C ASP B 141 14.58 -5.00 55.47
N GLY B 142 15.65 -5.10 54.68
CA GLY B 142 15.58 -4.70 53.29
C GLY B 142 16.97 -4.72 52.70
N ILE B 143 17.02 -4.71 51.37
CA ILE B 143 18.29 -4.57 50.66
C ILE B 143 18.16 -3.42 49.69
N ILE B 144 19.13 -2.52 49.71
CA ILE B 144 19.10 -1.39 48.77
C ILE B 144 20.40 -1.36 47.97
N PHE B 145 20.23 -1.30 46.65
CA PHE B 145 21.37 -1.18 45.75
C PHE B 145 21.48 0.28 45.40
N GLU B 146 22.45 0.96 46.01
CA GLU B 146 22.69 2.38 45.79
C GLU B 146 23.72 2.68 44.72
N THR B 147 23.50 3.78 43.99
CA THR B 147 24.52 4.45 43.20
C THR B 147 24.96 3.64 42.01
N PHE B 148 24.06 2.81 41.48
CA PHE B 148 24.41 2.01 40.29
C PHE B 148 24.43 2.87 39.03
N SER B 149 25.35 2.52 38.14
CA SER B 149 25.61 3.30 36.92
C SER B 149 25.31 2.54 35.64
N ASP B 150 25.04 1.24 35.77
CA ASP B 150 24.83 0.39 34.62
C ASP B 150 23.69 -0.57 34.85
N ILE B 151 22.81 -0.71 33.86
CA ILE B 151 21.62 -1.55 34.07
C ILE B 151 21.88 -3.04 34.08
N LEU B 152 22.95 -3.49 33.40
CA LEU B 152 23.26 -4.93 33.49
C LEU B 152 23.71 -5.30 34.90
N GLU B 153 24.62 -4.50 35.45
CA GLU B 153 25.14 -4.74 36.80
C GLU B 153 23.99 -4.67 37.82
N LEU B 154 23.10 -3.69 37.66
CA LEU B 154 21.94 -3.59 38.56
C LEU B 154 20.97 -4.76 38.40
N LYS B 155 20.70 -5.17 37.16
CA LYS B 155 19.88 -6.36 36.93
C LYS B 155 20.50 -7.59 37.62
N ALA B 156 21.80 -7.77 37.50
CA ALA B 156 22.45 -8.91 38.18
C ALA B 156 22.23 -8.84 39.69
N ALA B 157 22.36 -7.65 40.24
CA ALA B 157 22.23 -7.44 41.69
C ALA B 157 20.80 -7.80 42.13
N VAL B 158 19.79 -7.27 41.45
CA VAL B 158 18.40 -7.51 41.85
C VAL B 158 17.99 -8.99 41.70
N LEU B 159 18.42 -9.64 40.61
CA LEU B 159 18.11 -11.05 40.43
C LEU B 159 18.84 -11.89 41.47
N ALA B 160 20.08 -11.53 41.79
CA ALA B 160 20.79 -12.21 42.86
C ALA B 160 20.08 -12.09 44.18
N ALA B 161 19.63 -10.89 44.52
CA ALA B 161 18.97 -10.65 45.78
C ALA B 161 17.68 -11.47 45.88
N ARG B 162 16.92 -11.50 44.79
CA ARG B 162 15.65 -12.21 44.77
C ARG B 162 15.83 -13.73 44.80
N GLU B 163 16.95 -14.23 44.26
CA GLU B 163 17.26 -15.66 44.37
C GLU B 163 17.51 -16.09 45.82
N VAL B 164 18.11 -15.21 46.62
CA VAL B 164 18.36 -15.47 48.03
C VAL B 164 17.06 -15.46 48.80
N SER B 165 16.26 -14.42 48.58
CA SER B 165 15.03 -14.23 49.33
C SER B 165 13.92 -13.58 48.53
N ARG B 166 12.76 -14.25 48.45
CA ARG B 166 11.59 -13.65 47.83
C ARG B 166 10.84 -12.73 48.80
N ASP B 167 11.25 -12.73 50.07
CA ASP B 167 10.55 -11.98 51.13
C ASP B 167 11.16 -10.62 51.50
N VAL B 168 12.44 -10.43 51.17
CA VAL B 168 13.14 -9.19 51.56
C VAL B 168 12.67 -8.02 50.69
N PHE B 169 12.44 -6.86 51.33
CA PHE B 169 12.13 -5.64 50.62
C PHE B 169 13.38 -5.20 49.83
N LEU B 170 13.21 -4.99 48.52
CA LEU B 170 14.35 -4.75 47.61
C LEU B 170 14.17 -3.43 46.94
N ILE B 171 15.19 -2.59 47.04
CA ILE B 171 15.18 -1.28 46.45
C ILE B 171 16.34 -1.21 45.44
N ALA B 172 16.03 -0.73 44.25
CA ALA B 172 17.05 -0.53 43.21
C ALA B 172 17.21 0.95 42.88
N HIS B 173 18.44 1.47 42.98
CA HIS B 173 18.73 2.85 42.59
C HIS B 173 19.69 2.92 41.42
N MET B 174 19.52 3.94 40.58
CA MET B 174 20.59 4.39 39.70
C MET B 174 21.01 5.77 40.10
N THR B 175 22.21 6.18 39.72
CA THR B 175 22.64 7.57 39.87
C THR B 175 22.75 8.16 38.46
N PHE B 176 22.29 9.40 38.29
CA PHE B 176 22.25 10.04 36.97
C PHE B 176 23.12 11.28 36.94
N ASP B 177 23.75 11.56 35.79
CA ASP B 177 24.52 12.80 35.63
C ASP B 177 23.58 14.00 35.36
N GLU B 178 24.16 15.18 35.13
CA GLU B 178 23.31 16.38 34.94
C GLU B 178 22.41 16.31 33.69
N LYS B 179 22.78 15.45 32.76
CA LYS B 179 21.99 15.23 31.54
C LYS B 179 20.89 14.18 31.70
N GLY B 180 20.71 13.70 32.93
CA GLY B 180 19.71 12.68 33.24
C GLY B 180 20.05 11.32 32.65
N ARG B 181 21.33 10.99 32.62
CA ARG B 181 21.82 9.71 32.09
C ARG B 181 22.77 9.00 33.04
N SER B 182 22.67 7.68 33.09
CA SER B 182 23.61 6.88 33.84
C SER B 182 24.86 6.75 32.98
N LEU B 183 25.92 6.20 33.55
CA LEU B 183 27.23 6.12 32.90
C LEU B 183 27.16 5.43 31.54
N THR B 184 26.33 4.38 31.46
CA THR B 184 26.19 3.63 30.21
C THR B 184 24.94 4.01 29.40
N GLY B 185 24.35 5.15 29.76
CA GLY B 185 23.39 5.82 28.87
C GLY B 185 21.93 5.69 29.20
N THR B 186 21.60 5.16 30.38
CA THR B 186 20.21 4.90 30.73
C THR B 186 19.57 6.15 31.29
N ASP B 187 18.41 6.53 30.75
CA ASP B 187 17.69 7.67 31.27
C ASP B 187 16.63 7.16 32.27
N PRO B 188 16.00 8.07 33.04
CA PRO B 188 15.03 7.66 34.06
C PRO B 188 13.81 6.85 33.60
N ALA B 189 13.25 7.15 32.43
CA ALA B 189 12.14 6.37 31.91
C ALA B 189 12.56 4.95 31.54
N ASN B 190 13.73 4.83 30.92
CA ASN B 190 14.30 3.52 30.58
C ASN B 190 14.50 2.72 31.88
N PHE B 191 15.16 3.34 32.85
CA PHE B 191 15.39 2.72 34.16
C PHE B 191 14.05 2.21 34.73
N ALA B 192 13.04 3.09 34.76
CA ALA B 192 11.74 2.75 35.31
C ALA B 192 11.06 1.60 34.58
N ILE B 193 10.95 1.69 33.26
CA ILE B 193 10.32 0.63 32.45
C ILE B 193 11.06 -0.71 32.52
N THR B 194 12.38 -0.67 32.53
CA THR B 194 13.15 -1.90 32.62
C THR B 194 13.01 -2.58 33.99
N PHE B 195 13.03 -1.80 35.07
CA PHE B 195 13.08 -2.37 36.42
C PHE B 195 11.73 -2.48 37.12
N ASP B 196 10.77 -1.64 36.71
CA ASP B 196 9.43 -1.70 37.31
C ASP B 196 8.87 -3.11 37.29
N GLU B 197 9.07 -3.83 36.18
CA GLU B 197 8.45 -5.15 36.06
C GLU B 197 9.23 -6.28 36.70
N LEU B 198 10.44 -5.99 37.19
CA LEU B 198 11.18 -6.97 37.95
C LEU B 198 10.61 -7.00 39.37
N ASP B 199 10.91 -8.06 40.10
CA ASP B 199 10.30 -8.28 41.40
C ASP B 199 10.99 -7.46 42.48
N ILE B 200 11.16 -6.17 42.24
CA ILE B 200 11.71 -5.28 43.25
C ILE B 200 10.53 -4.53 43.89
N ASP B 201 10.75 -3.92 45.05
CA ASP B 201 9.67 -3.24 45.77
C ASP B 201 9.70 -1.72 45.59
N ALA B 202 10.89 -1.18 45.34
CA ALA B 202 11.09 0.26 45.16
C ALA B 202 12.17 0.57 44.15
N LEU B 203 12.07 1.76 43.54
CA LEU B 203 13.09 2.30 42.66
C LEU B 203 13.47 3.66 43.20
N GLY B 204 14.68 4.12 42.91
CA GLY B 204 15.07 5.41 43.39
C GLY B 204 16.33 5.91 42.74
N ILE B 205 16.76 7.06 43.25
CA ILE B 205 17.93 7.77 42.76
C ILE B 205 18.72 8.25 43.95
N ASN B 206 20.03 8.05 43.93
CA ASN B 206 20.86 8.74 44.89
C ASN B 206 22.16 9.27 44.28
N CYS B 207 22.70 10.29 44.94
CA CYS B 207 24.02 10.83 44.70
C CYS B 207 24.16 11.56 43.36
N SER B 208 25.41 11.92 43.06
CA SER B 208 25.84 12.65 41.84
C SER B 208 25.34 14.08 41.75
N LEU B 209 24.10 14.29 42.19
CA LEU B 209 23.46 15.61 42.08
C LEU B 209 22.74 15.99 43.35
N GLY B 210 22.54 17.30 43.53
CA GLY B 210 21.75 17.83 44.62
C GLY B 210 20.25 17.74 44.40
N PRO B 211 19.47 18.16 45.40
CA PRO B 211 18.01 18.08 45.47
C PRO B 211 17.34 18.79 44.28
N GLU B 212 17.81 19.99 43.95
CA GLU B 212 17.26 20.78 42.84
C GLU B 212 17.45 20.07 41.51
N GLU B 213 18.70 19.68 41.25
CA GLU B 213 19.09 19.02 40.00
C GLU B 213 18.43 17.66 39.81
N ILE B 214 18.22 16.92 40.89
CA ILE B 214 17.55 15.63 40.78
C ILE B 214 16.05 15.74 40.47
N LEU B 215 15.42 16.86 40.82
CA LEU B 215 13.97 16.94 40.77
C LEU B 215 13.33 16.54 39.40
N PRO B 216 13.81 17.10 38.28
CA PRO B 216 13.21 16.70 36.99
C PRO B 216 13.50 15.25 36.59
N ILE B 217 14.69 14.76 36.95
CA ILE B 217 15.08 13.35 36.77
C ILE B 217 14.16 12.41 37.57
N PHE B 218 13.95 12.72 38.85
CA PHE B 218 13.02 11.99 39.70
C PHE B 218 11.57 12.05 39.20
N GLN B 219 11.17 13.21 38.69
CA GLN B 219 9.81 13.34 38.15
C GLN B 219 9.60 12.35 37.00
N GLU B 220 10.59 12.24 36.12
CA GLU B 220 10.52 11.30 35.00
C GLU B 220 10.41 9.87 35.50
N LEU B 221 11.28 9.49 36.44
CA LEU B 221 11.18 8.18 37.04
C LEU B 221 9.80 7.92 37.63
N SER B 222 9.27 8.89 38.39
CA SER B 222 7.97 8.72 39.05
C SER B 222 6.81 8.47 38.08
N GLN B 223 6.92 9.00 36.86
CA GLN B 223 5.85 8.85 35.85
C GLN B 223 5.76 7.45 35.24
N TYR B 224 6.83 6.66 35.35
CA TYR B 224 6.86 5.36 34.69
C TYR B 224 6.89 4.11 35.60
N THR B 225 6.72 4.34 36.90
CA THR B 225 6.58 3.24 37.85
C THR B 225 5.53 3.59 38.91
N ASP B 226 4.83 2.57 39.37
CA ASP B 226 3.83 2.65 40.43
C ASP B 226 4.43 2.19 41.75
N LYS B 227 5.65 1.68 41.72
CA LYS B 227 6.28 1.12 42.91
C LYS B 227 6.69 2.25 43.84
N PHE B 228 7.15 1.87 45.04
CA PHE B 228 7.67 2.86 45.99
C PHE B 228 8.87 3.61 45.43
N LEU B 229 9.02 4.87 45.81
CA LEU B 229 10.11 5.72 45.31
C LEU B 229 10.99 6.25 46.42
N VAL B 230 12.29 6.20 46.18
CA VAL B 230 13.25 6.65 47.16
C VAL B 230 14.15 7.70 46.52
N VAL B 231 14.57 8.68 47.31
CA VAL B 231 15.59 9.60 46.80
C VAL B 231 16.56 10.01 47.90
N GLU B 232 17.83 10.12 47.52
CA GLU B 232 18.88 10.62 48.39
C GLU B 232 19.86 11.46 47.58
N PRO B 233 19.56 12.77 47.43
CA PRO B 233 20.45 13.66 46.72
C PRO B 233 21.75 13.84 47.51
N ASN B 234 22.86 14.14 46.83
CA ASN B 234 24.05 14.54 47.55
C ASN B 234 24.00 16.03 47.95
N ALA B 235 25.03 16.52 48.62
CA ALA B 235 25.04 17.91 49.11
C ALA B 235 25.86 18.81 48.18
N GLY B 236 25.88 18.48 46.87
CA GLY B 236 26.65 19.27 45.88
C GLY B 236 28.10 18.86 45.70
N LYS B 237 28.87 19.68 44.97
CA LYS B 237 30.29 19.39 44.75
C LYS B 237 31.12 20.15 45.77
N PRO B 238 31.89 19.42 46.60
CA PRO B 238 32.68 20.02 47.67
C PRO B 238 33.88 20.77 47.10
N ILE B 239 34.33 21.80 47.82
CA ILE B 239 35.32 22.75 47.29
C ILE B 239 35.83 23.68 48.39
N LYS B 244 37.59 15.63 50.29
CA LYS B 244 37.73 17.04 50.65
C LYS B 244 36.50 17.54 51.42
N THR B 245 36.74 18.37 52.42
CA THR B 245 35.70 18.91 53.32
C THR B 245 34.66 19.84 52.64
N VAL B 246 34.03 20.69 53.46
CA VAL B 246 32.91 21.60 53.09
C VAL B 246 32.10 21.34 51.78
N TYR B 247 30.87 20.83 51.95
CA TYR B 247 29.90 20.69 50.86
C TYR B 247 28.97 21.91 50.82
N PRO B 248 28.58 22.36 49.62
CA PRO B 248 27.86 23.64 49.52
C PRO B 248 26.42 23.64 50.04
N LEU B 249 25.71 22.52 49.92
CA LEU B 249 24.28 22.53 50.18
C LEU B 249 24.02 22.22 51.63
N LYS B 250 23.64 23.24 52.39
CA LYS B 250 23.48 23.16 53.84
C LYS B 250 22.10 22.64 54.21
N PRO B 251 21.90 22.27 55.49
CA PRO B 251 20.63 21.70 55.93
C PRO B 251 19.36 22.44 55.52
N HIS B 252 19.32 23.77 55.69
CA HIS B 252 18.06 24.48 55.46
C HIS B 252 17.69 24.49 53.99
N ASP B 253 18.65 24.79 53.10
CA ASP B 253 18.30 24.80 51.69
C ASP B 253 18.00 23.41 51.15
N PHE B 254 18.79 22.44 51.56
CA PHE B 254 18.56 21.06 51.15
C PHE B 254 17.13 20.65 51.52
N ALA B 255 16.73 20.91 52.77
CA ALA B 255 15.44 20.44 53.30
C ALA B 255 14.22 21.10 52.68
N VAL B 256 14.34 22.35 52.22
CA VAL B 256 13.21 23.05 51.61
C VAL B 256 12.72 22.43 50.29
N HIS B 257 13.48 21.46 49.78
CA HIS B 257 13.09 20.73 48.57
C HIS B 257 12.16 19.54 48.84
N ILE B 258 12.00 19.17 50.10
CA ILE B 258 11.19 18.00 50.46
C ILE B 258 9.78 18.04 49.92
N ASP B 259 9.12 19.21 50.02
CA ASP B 259 7.75 19.34 49.52
C ASP B 259 7.62 18.96 48.06
N SER B 260 8.57 19.39 47.23
CA SER B 260 8.49 19.09 45.80
C SER B 260 8.65 17.59 45.52
N TYR B 261 9.48 16.92 46.33
CA TYR B 261 9.59 15.45 46.22
C TYR B 261 8.35 14.75 46.75
N TYR B 262 7.77 15.26 47.85
CA TYR B 262 6.52 14.71 48.38
C TYR B 262 5.39 14.76 47.34
N GLU B 263 5.30 15.90 46.65
CA GLU B 263 4.26 16.11 45.63
C GLU B 263 4.43 15.22 44.42
N LEU B 264 5.64 14.70 44.23
CA LEU B 264 5.93 13.73 43.17
C LEU B 264 5.77 12.26 43.58
N GLY B 265 5.31 12.02 44.80
CA GLY B 265 5.05 10.68 45.29
C GLY B 265 6.22 9.96 45.99
N VAL B 266 7.19 10.72 46.52
CA VAL B 266 8.31 10.10 47.23
C VAL B 266 7.84 9.31 48.46
N ASN B 267 8.49 8.17 48.72
CA ASN B 267 8.09 7.31 49.84
C ASN B 267 9.15 7.22 50.91
N ILE B 268 10.41 7.36 50.49
CA ILE B 268 11.54 7.46 51.44
C ILE B 268 12.46 8.56 50.95
N PHE B 269 12.78 9.51 51.83
CA PHE B 269 13.66 10.62 51.53
C PHE B 269 14.86 10.60 52.46
N GLY B 270 16.05 10.66 51.87
CA GLY B 270 17.28 10.75 52.66
C GLY B 270 18.36 11.60 51.99
N GLY B 271 19.57 11.49 52.50
CA GLY B 271 20.67 12.22 51.90
C GLY B 271 21.82 11.30 51.56
N CYS B 272 22.60 11.71 50.57
CA CYS B 272 23.82 10.99 50.23
C CYS B 272 25.06 11.83 50.56
N CYS B 273 26.17 11.55 49.89
CA CYS B 273 27.45 12.14 50.18
C CYS B 273 27.40 13.62 50.48
N GLY B 274 27.95 13.99 51.64
CA GLY B 274 28.03 15.39 52.03
C GLY B 274 26.94 15.82 52.97
N THR B 275 25.86 15.03 53.06
CA THR B 275 24.80 15.30 54.06
C THR B 275 25.20 14.78 55.45
N THR B 276 24.55 15.30 56.47
CA THR B 276 24.97 15.12 57.87
C THR B 276 23.74 14.92 58.75
N PRO B 277 23.95 14.53 60.02
CA PRO B 277 22.82 14.43 60.93
C PRO B 277 22.00 15.74 60.99
N GLU B 278 22.70 16.87 60.94
CA GLU B 278 21.99 18.16 60.96
C GLU B 278 21.05 18.33 59.74
N HIS B 279 21.44 17.79 58.58
CA HIS B 279 20.51 17.74 57.45
C HIS B 279 19.28 16.93 57.80
N VAL B 280 19.48 15.73 58.36
CA VAL B 280 18.35 14.88 58.70
C VAL B 280 17.39 15.55 59.72
N LYS B 281 17.96 16.31 60.65
CA LYS B 281 17.18 17.03 61.66
C LYS B 281 16.15 17.93 60.98
N LEU B 282 16.62 18.63 59.95
CA LEU B 282 15.77 19.50 59.15
C LEU B 282 14.77 18.72 58.27
N PHE B 283 15.19 17.56 57.72
CA PHE B 283 14.25 16.73 56.97
C PHE B 283 13.08 16.37 57.86
N ARG B 284 13.38 16.05 59.12
CA ARG B 284 12.35 15.68 60.07
C ARG B 284 11.41 16.86 60.34
N LYS B 285 11.99 18.02 60.64
CA LYS B 285 11.22 19.24 60.91
C LYS B 285 10.31 19.58 59.72
N VAL B 286 10.87 19.50 58.52
CA VAL B 286 10.14 19.85 57.29
C VAL B 286 9.11 18.78 56.89
N LEU B 287 9.50 17.52 56.89
CA LEU B 287 8.56 16.46 56.51
C LEU B 287 7.43 16.25 57.51
N GLY B 288 7.77 16.09 58.79
CA GLY B 288 6.78 15.70 59.79
C GLY B 288 6.15 14.36 59.42
N ASN B 289 4.87 14.20 59.75
CA ASN B 289 4.15 12.95 59.52
C ASN B 289 3.15 13.08 58.40
N ARG B 290 3.48 12.51 57.24
CA ARG B 290 2.63 12.57 56.04
C ARG B 290 2.38 11.19 55.47
N LYS B 291 1.14 10.95 55.02
CA LYS B 291 0.81 9.78 54.23
C LYS B 291 1.31 10.04 52.80
N PRO B 292 1.85 9.01 52.11
CA PRO B 292 2.38 9.28 50.77
C PRO B 292 1.27 9.61 49.77
N LEU B 293 1.59 10.42 48.77
CA LEU B 293 0.67 10.74 47.68
C LEU B 293 0.48 9.57 46.71
N GLN B 294 -0.73 9.41 46.21
CA GLN B 294 -0.99 8.37 45.20
C GLN B 294 -0.61 8.87 43.82
N ARG B 295 -0.25 7.94 42.93
CA ARG B 295 0.05 8.30 41.55
C ARG B 295 -0.41 7.23 40.56
N LYS B 296 -0.59 7.64 39.32
CA LYS B 296 -0.91 6.73 38.22
C LYS B 296 0.23 6.84 37.22
N LYS B 297 0.88 5.72 36.92
CA LYS B 297 1.97 5.75 35.96
C LYS B 297 1.45 5.84 34.52
N LYS B 298 2.22 6.55 33.68
CA LYS B 298 2.03 6.52 32.23
C LYS B 298 2.32 5.10 31.76
N ARG B 299 1.58 4.65 30.77
CA ARG B 299 1.71 3.29 30.28
C ARG B 299 2.13 3.32 28.83
N ILE B 300 3.25 2.67 28.53
CA ILE B 300 3.72 2.57 27.15
C ILE B 300 4.22 1.15 26.87
N PHE B 301 4.34 0.80 25.60
CA PHE B 301 4.93 -0.48 25.22
C PHE B 301 6.30 -0.15 24.67
N ALA B 302 7.33 -0.62 25.37
CA ALA B 302 8.69 -0.24 24.99
C ALA B 302 9.68 -1.36 25.30
N VAL B 303 10.77 -1.41 24.53
CA VAL B 303 11.87 -2.33 24.79
C VAL B 303 13.12 -1.51 24.94
N SER B 304 14.16 -2.06 25.55
CA SER B 304 15.34 -1.24 25.83
C SER B 304 16.70 -1.91 25.74
N SER B 305 17.71 -1.07 25.53
CA SER B 305 19.10 -1.39 25.69
C SER B 305 19.63 -0.39 26.74
N PRO B 306 20.90 -0.53 27.17
CA PRO B 306 21.39 0.48 28.14
C PRO B 306 21.18 1.94 27.71
N SER B 307 21.35 2.26 26.41
CA SER B 307 21.31 3.65 25.98
C SER B 307 20.08 4.02 25.17
N LYS B 308 19.21 3.06 24.88
CA LYS B 308 18.05 3.32 23.99
C LYS B 308 16.76 2.70 24.53
N LEU B 309 15.71 3.50 24.54
CA LEU B 309 14.38 3.01 24.82
C LEU B 309 13.61 3.16 23.53
N VAL B 310 13.07 2.06 23.03
CA VAL B 310 12.30 2.11 21.79
C VAL B 310 10.85 1.91 22.14
N THR B 311 10.05 2.94 21.89
CA THR B 311 8.63 2.91 22.22
C THR B 311 7.89 2.62 20.92
N PHE B 312 6.90 1.74 21.00
CA PHE B 312 6.11 1.35 19.84
C PHE B 312 4.97 2.36 19.62
N ASP B 313 5.35 3.60 19.38
CA ASP B 313 4.41 4.66 19.02
C ASP B 313 4.67 5.18 17.61
N HIS B 314 5.45 4.40 16.86
CA HIS B 314 5.84 4.72 15.49
C HIS B 314 6.26 3.40 14.88
N PHE B 315 6.40 3.35 13.55
CA PHE B 315 6.83 2.10 12.93
C PHE B 315 8.23 1.66 13.34
N VAL B 316 8.33 0.46 13.92
CA VAL B 316 9.62 -0.08 14.37
C VAL B 316 10.24 -1.09 13.39
N VAL B 317 11.38 -0.71 12.82
CA VAL B 317 12.17 -1.62 11.99
C VAL B 317 13.03 -2.55 12.85
N ILE B 318 12.72 -3.83 12.79
CA ILE B 318 13.47 -4.87 13.50
C ILE B 318 14.36 -5.55 12.46
N GLY B 319 15.67 -5.34 12.56
CA GLY B 319 16.63 -5.96 11.64
C GLY B 319 16.62 -7.48 11.71
N GLU B 320 16.57 -8.13 10.55
CA GLU B 320 16.42 -9.59 10.50
C GLU B 320 17.75 -10.31 10.33
N ARG B 321 18.82 -9.58 10.05
CA ARG B 321 20.01 -10.14 9.42
C ARG B 321 20.91 -11.02 10.28
N ILE B 322 20.88 -10.84 11.61
CA ILE B 322 21.69 -11.71 12.48
C ILE B 322 20.94 -13.04 12.62
N ASN B 323 21.04 -13.87 11.58
CA ASN B 323 20.29 -15.10 11.46
C ASN B 323 21.00 -15.91 10.38
N PRO B 324 21.57 -17.07 10.76
CA PRO B 324 22.49 -17.80 9.88
C PRO B 324 21.82 -18.67 8.81
N ALA B 325 20.49 -18.83 8.88
CA ALA B 325 19.74 -19.58 7.88
C ALA B 325 20.04 -19.05 6.48
N GLY B 326 20.29 -19.96 5.54
CA GLY B 326 20.64 -19.58 4.16
C GLY B 326 21.93 -18.79 4.05
N ARG B 327 22.69 -18.72 5.15
CA ARG B 327 23.95 -17.97 5.18
C ARG B 327 25.09 -18.83 5.73
N LYS B 328 25.79 -19.49 4.81
CA LYS B 328 26.91 -20.39 5.15
C LYS B 328 28.08 -19.70 5.87
N LYS B 329 28.48 -18.51 5.40
CA LYS B 329 29.61 -17.79 5.98
C LYS B 329 29.36 -17.30 7.42
N LEU B 330 28.23 -16.64 7.63
CA LEU B 330 27.83 -16.19 8.98
C LEU B 330 27.79 -17.37 9.95
N TRP B 331 27.13 -18.45 9.53
CA TRP B 331 26.99 -19.67 10.32
C TRP B 331 28.34 -20.33 10.72
N ALA B 332 29.31 -20.28 9.80
CA ALA B 332 30.64 -20.82 10.06
C ALA B 332 31.39 -20.00 11.11
N GLU B 333 31.07 -18.71 11.19
CA GLU B 333 31.70 -17.84 12.17
C GLU B 333 31.02 -17.95 13.53
N MET B 334 29.70 -18.18 13.51
CA MET B 334 28.92 -18.43 14.73
C MET B 334 29.38 -19.70 15.42
N GLN B 335 29.78 -20.69 14.63
CA GLN B 335 30.20 -21.98 15.16
C GLN B 335 31.62 -21.96 15.69
N LYS B 336 32.43 -21.02 15.20
CA LYS B 336 33.77 -20.81 15.74
C LYS B 336 33.83 -19.66 16.76
N GLY B 337 32.65 -19.18 17.17
CA GLY B 337 32.53 -18.15 18.22
C GLY B 337 33.03 -16.78 17.84
N ASN B 338 32.97 -16.48 16.55
CA ASN B 338 33.36 -15.16 16.03
C ASN B 338 32.37 -14.07 16.47
N GLU B 339 32.88 -13.11 17.24
CA GLU B 339 32.06 -12.02 17.78
C GLU B 339 32.02 -10.82 16.81
N GLU B 340 33.15 -10.55 16.17
CA GLU B 340 33.33 -9.38 15.32
C GLU B 340 32.37 -9.30 14.13
N ILE B 341 32.07 -10.44 13.52
CA ILE B 341 31.20 -10.48 12.34
C ILE B 341 29.77 -10.06 12.67
N VAL B 342 29.29 -10.54 13.81
CA VAL B 342 27.96 -10.25 14.32
C VAL B 342 27.82 -8.78 14.67
N ILE B 343 28.88 -8.24 15.28
CA ILE B 343 28.96 -6.82 15.63
C ILE B 343 28.88 -5.94 14.38
N LYS B 344 29.63 -6.31 13.35
CA LYS B 344 29.60 -5.59 12.07
C LYS B 344 28.18 -5.61 11.45
N GLU B 345 27.55 -6.78 11.45
CA GLU B 345 26.18 -6.96 10.96
C GLU B 345 25.16 -6.15 11.77
N ALA B 346 25.33 -6.14 13.08
CA ALA B 346 24.49 -5.34 13.97
C ALA B 346 24.64 -3.86 13.66
N LYS B 347 25.88 -3.40 13.54
CA LYS B 347 26.18 -1.99 13.33
C LYS B 347 25.65 -1.49 11.99
N THR B 348 25.83 -2.29 10.94
CA THR B 348 25.38 -1.92 9.59
C THR B 348 23.86 -1.75 9.56
N GLN B 349 23.14 -2.69 10.17
CA GLN B 349 21.67 -2.62 10.22
C GLN B 349 21.16 -1.39 10.95
N VAL B 350 21.72 -1.09 12.11
CA VAL B 350 21.39 0.14 12.82
C VAL B 350 21.70 1.38 12.00
N GLU B 351 22.88 1.40 11.35
CA GLU B 351 23.24 2.50 10.47
C GLU B 351 22.16 2.71 9.41
N LYS B 352 21.62 1.60 8.91
CA LYS B 352 20.59 1.61 7.87
C LYS B 352 19.17 1.90 8.37
N GLY B 353 18.98 1.94 9.68
CA GLY B 353 17.66 2.30 10.20
C GLY B 353 16.98 1.32 11.12
N ALA B 354 17.59 0.15 11.34
CA ALA B 354 17.04 -0.80 12.30
C ALA B 354 17.08 -0.19 13.71
N GLU B 355 15.94 -0.24 14.38
CA GLU B 355 15.85 0.27 15.75
C GLU B 355 15.89 -0.84 16.79
N VAL B 356 15.59 -2.08 16.36
CA VAL B 356 15.69 -3.29 17.19
C VAL B 356 16.41 -4.31 16.30
N LEU B 357 17.20 -5.20 16.88
CA LEU B 357 17.88 -6.24 16.09
C LEU B 357 17.41 -7.63 16.48
N ASP B 358 16.92 -8.40 15.50
CA ASP B 358 16.55 -9.79 15.77
C ASP B 358 17.85 -10.60 15.83
N VAL B 359 17.93 -11.50 16.80
CA VAL B 359 19.16 -12.27 16.98
C VAL B 359 18.80 -13.75 17.11
N ASN B 360 19.27 -14.53 16.14
CA ASN B 360 18.95 -15.95 16.07
C ASN B 360 20.25 -16.69 15.86
N PHE B 361 20.36 -17.88 16.48
CA PHE B 361 21.63 -18.59 16.53
C PHE B 361 21.68 -19.86 15.70
N GLY B 362 20.64 -20.07 14.88
CA GLY B 362 20.60 -21.19 13.92
C GLY B 362 20.36 -22.52 14.58
N ILE B 363 21.25 -23.47 14.31
CA ILE B 363 21.20 -24.79 14.98
C ILE B 363 21.79 -24.60 16.38
N GLU B 364 20.92 -24.27 17.34
CA GLU B 364 21.32 -23.78 18.66
C GLU B 364 22.19 -24.79 19.40
N SER B 365 21.85 -26.07 19.22
CA SER B 365 22.58 -27.17 19.84
C SER B 365 24.01 -27.33 19.33
N GLN B 366 24.36 -26.60 18.27
CA GLN B 366 25.72 -26.61 17.74
C GLN B 366 26.47 -25.36 18.14
N ILE B 367 25.80 -24.51 18.91
CA ILE B 367 26.36 -23.23 19.37
C ILE B 367 26.66 -23.27 20.86
N ASP B 368 27.79 -22.68 21.22
CA ASP B 368 28.23 -22.56 22.60
C ASP B 368 27.38 -21.51 23.35
N VAL B 369 26.80 -21.92 24.48
CA VAL B 369 25.99 -21.00 25.33
C VAL B 369 26.81 -19.78 25.78
N ARG B 370 28.08 -20.00 26.15
CA ARG B 370 28.98 -18.88 26.46
C ARG B 370 28.94 -17.79 25.38
N TYR B 371 28.93 -18.21 24.10
CA TYR B 371 28.94 -17.29 22.96
C TYR B 371 27.63 -16.50 22.87
N VAL B 372 26.52 -17.22 23.05
CA VAL B 372 25.19 -16.63 23.10
C VAL B 372 25.08 -15.63 24.25
N GLU B 373 25.42 -16.05 25.46
CA GLU B 373 25.40 -15.14 26.61
C GLU B 373 26.25 -13.90 26.36
N LYS B 374 27.38 -14.10 25.69
CA LYS B 374 28.31 -13.02 25.36
C LYS B 374 27.76 -12.06 24.29
N ILE B 375 27.15 -12.63 23.25
CA ILE B 375 26.58 -11.81 22.15
C ILE B 375 25.42 -10.98 22.67
N VAL B 376 24.57 -11.64 23.46
CA VAL B 376 23.36 -11.03 24.04
C VAL B 376 23.69 -9.86 24.97
N GLN B 377 24.72 -10.01 25.79
CA GLN B 377 25.23 -8.92 26.61
C GLN B 377 25.94 -7.83 25.78
N THR B 378 26.69 -8.22 24.74
CA THR B 378 27.53 -7.27 23.97
C THR B 378 26.81 -6.32 22.99
N LEU B 379 25.94 -6.89 22.18
CA LEU B 379 25.28 -6.14 21.10
C LEU B 379 24.58 -4.86 21.54
N PRO B 380 23.82 -4.91 22.66
CA PRO B 380 23.17 -3.66 23.04
C PRO B 380 24.14 -2.53 23.40
N TYR B 381 25.34 -2.87 23.87
CA TYR B 381 26.36 -1.89 24.15
C TYR B 381 27.02 -1.33 22.87
N VAL B 382 27.46 -2.22 21.99
CA VAL B 382 28.22 -1.78 20.80
C VAL B 382 27.34 -1.23 19.65
N SER B 383 26.15 -1.80 19.51
CA SER B 383 25.19 -1.41 18.47
C SER B 383 24.21 -0.36 18.97
N ASN B 384 24.11 -0.24 20.30
CA ASN B 384 23.26 0.73 20.98
C ASN B 384 21.77 0.40 21.07
N VAL B 385 21.29 -0.57 20.28
CA VAL B 385 19.84 -0.79 20.21
C VAL B 385 19.38 -2.05 20.93
N PRO B 386 18.07 -2.14 21.27
CA PRO B 386 17.49 -3.32 21.87
C PRO B 386 17.50 -4.55 20.96
N LEU B 387 17.39 -5.71 21.59
CA LEU B 387 17.36 -6.97 20.87
C LEU B 387 16.00 -7.66 20.95
N SER B 388 15.64 -8.25 19.81
CA SER B 388 14.59 -9.23 19.72
C SER B 388 15.27 -10.60 19.79
N LEU B 389 15.08 -11.31 20.90
CA LEU B 389 15.77 -12.59 21.11
C LEU B 389 14.97 -13.74 20.47
N ASP B 390 15.54 -14.29 19.41
CA ASP B 390 14.86 -15.24 18.53
C ASP B 390 15.47 -16.61 18.85
N ILE B 391 14.88 -17.27 19.86
CA ILE B 391 15.47 -18.47 20.46
C ILE B 391 14.39 -19.50 20.65
N GLN B 392 14.69 -20.74 20.26
CA GLN B 392 13.73 -21.82 20.37
C GLN B 392 13.97 -22.66 21.64
N ASN B 393 15.23 -22.98 21.92
CA ASN B 393 15.61 -23.80 23.08
C ASN B 393 15.23 -23.07 24.37
N VAL B 394 14.44 -23.73 25.21
CA VAL B 394 13.90 -23.12 26.43
C VAL B 394 14.96 -22.88 27.50
N ASP B 395 16.05 -23.66 27.46
CA ASP B 395 17.21 -23.48 28.34
C ASP B 395 18.05 -22.29 27.90
N LEU B 396 18.25 -22.19 26.59
CA LEU B 396 19.03 -21.08 26.01
C LEU B 396 18.26 -19.77 26.16
N THR B 397 16.94 -19.85 26.02
CA THR B 397 16.01 -18.74 26.27
C THR B 397 16.23 -18.17 27.66
N GLU B 398 16.28 -19.05 28.65
CA GLU B 398 16.52 -18.62 30.04
C GLU B 398 17.87 -17.92 30.21
N ARG B 399 18.93 -18.51 29.68
CA ARG B 399 20.26 -17.90 29.78
C ARG B 399 20.38 -16.54 29.07
N ALA B 400 19.73 -16.41 27.91
CA ALA B 400 19.76 -15.14 27.17
C ALA B 400 18.93 -14.05 27.88
N LEU B 401 17.74 -14.41 28.34
CA LEU B 401 16.85 -13.47 29.06
C LEU B 401 17.48 -12.97 30.36
N ARG B 402 18.13 -13.90 31.05
CA ARG B 402 18.80 -13.64 32.30
C ARG B 402 19.94 -12.59 32.13
N ALA B 403 20.77 -12.79 31.13
CA ALA B 403 21.94 -11.95 30.81
C ALA B 403 21.66 -10.70 29.94
N TYR B 404 20.41 -10.51 29.53
CA TYR B 404 20.11 -9.40 28.62
C TYR B 404 20.07 -8.03 29.31
N PRO B 405 20.87 -7.06 28.83
CA PRO B 405 20.94 -5.73 29.46
C PRO B 405 19.82 -4.77 29.08
N GLY B 406 18.63 -5.00 29.62
CA GLY B 406 17.48 -4.17 29.31
C GLY B 406 16.20 -4.97 29.31
N ARG B 407 15.19 -4.42 28.66
CA ARG B 407 13.93 -5.08 28.45
C ARG B 407 13.88 -5.53 27.00
N SER B 408 14.02 -6.84 26.76
CA SER B 408 14.04 -7.40 25.41
C SER B 408 12.65 -7.65 24.87
N LEU B 409 12.62 -7.94 23.57
CA LEU B 409 11.44 -8.51 22.94
C LEU B 409 11.81 -9.97 22.70
N PHE B 410 10.94 -10.88 23.11
CA PHE B 410 11.26 -12.28 22.91
C PHE B 410 10.51 -12.82 21.71
N ASN B 411 11.29 -13.38 20.77
CA ASN B 411 10.75 -13.80 19.49
C ASN B 411 10.29 -15.23 19.60
N SER B 412 9.07 -15.26 20.10
CA SER B 412 7.91 -16.04 19.71
C SER B 412 7.52 -17.17 20.62
N ALA B 413 6.27 -17.05 21.07
CA ALA B 413 5.50 -18.15 21.59
C ALA B 413 4.27 -18.34 20.68
N LYS B 414 3.88 -19.59 20.46
CA LYS B 414 2.64 -19.88 19.73
C LYS B 414 1.47 -19.84 20.68
N VAL B 415 0.25 -19.94 20.15
CA VAL B 415 -0.93 -20.00 21.00
C VAL B 415 -1.10 -21.43 21.47
N ASP B 416 -0.43 -21.72 22.59
CA ASP B 416 -0.39 -23.02 23.23
C ASP B 416 -0.25 -22.81 24.73
N GLU B 417 -1.19 -23.35 25.49
CA GLU B 417 -1.20 -23.22 26.96
C GLU B 417 0.15 -23.44 27.64
N GLU B 418 0.79 -24.57 27.31
CA GLU B 418 2.03 -24.99 27.95
C GLU B 418 3.18 -24.06 27.59
N GLU B 419 3.34 -23.78 26.29
CA GLU B 419 4.42 -22.94 25.80
C GLU B 419 4.32 -21.51 26.32
N LEU B 420 3.11 -20.96 26.32
CA LEU B 420 2.86 -19.61 26.81
C LEU B 420 3.14 -19.47 28.30
N GLU B 421 2.62 -20.38 29.12
CA GLU B 421 2.89 -20.33 30.54
C GLU B 421 4.39 -20.36 30.82
N MET B 422 5.11 -21.25 30.13
CA MET B 422 6.56 -21.34 30.18
C MET B 422 7.24 -20.00 29.87
N LYS B 423 6.92 -19.43 28.71
CA LYS B 423 7.61 -18.22 28.23
C LYS B 423 7.24 -17.02 29.08
N ILE B 424 5.95 -16.88 29.38
CA ILE B 424 5.41 -15.81 30.24
C ILE B 424 6.09 -15.81 31.61
N ASN B 425 6.37 -17.00 32.14
CA ASN B 425 6.99 -17.09 33.46
C ASN B 425 8.45 -16.64 33.43
N LEU B 426 9.17 -17.04 32.39
CA LEU B 426 10.53 -16.60 32.20
C LEU B 426 10.62 -15.08 32.02
N LEU B 427 9.67 -14.51 31.27
CA LEU B 427 9.61 -13.07 31.08
C LEU B 427 9.18 -12.34 32.35
N LYS B 428 8.30 -12.96 33.12
CA LYS B 428 7.92 -12.41 34.43
C LYS B 428 9.12 -12.33 35.37
N LYS B 429 9.99 -13.35 35.31
CA LYS B 429 11.14 -13.42 36.20
C LYS B 429 12.26 -12.49 35.73
N TYR B 430 12.51 -12.46 34.43
CA TYR B 430 13.70 -11.78 33.92
C TYR B 430 13.43 -10.45 33.24
N GLY B 431 12.15 -10.14 33.07
CA GLY B 431 11.69 -8.94 32.37
C GLY B 431 11.58 -9.23 30.88
N GLY B 432 10.71 -8.49 30.20
CA GLY B 432 10.65 -8.55 28.74
C GLY B 432 9.25 -8.59 28.20
N THR B 433 9.16 -8.51 26.87
CA THR B 433 7.92 -8.53 26.13
C THR B 433 7.94 -9.71 25.18
N LEU B 434 6.75 -10.04 24.65
CA LEU B 434 6.61 -11.27 23.90
C LEU B 434 5.91 -11.05 22.57
N ILE B 435 6.49 -11.63 21.52
CA ILE B 435 5.78 -11.83 20.25
C ILE B 435 4.95 -13.10 20.40
N VAL B 436 3.64 -12.96 20.20
CA VAL B 436 2.72 -14.08 20.17
C VAL B 436 2.32 -14.35 18.72
N LEU B 437 2.76 -15.50 18.23
CA LEU B 437 2.49 -15.96 16.87
C LEU B 437 1.15 -16.66 16.82
N LEU B 438 0.31 -16.25 15.86
CA LEU B 438 -1.04 -16.76 15.74
C LEU B 438 -1.12 -18.09 14.96
N MET B 439 -0.44 -19.11 15.50
CA MET B 439 -0.65 -20.50 15.13
C MET B 439 -0.53 -21.38 16.37
N GLY B 440 -0.98 -22.63 16.28
CA GLY B 440 -0.91 -23.54 17.42
C GLY B 440 -0.58 -24.96 16.99
N LYS B 441 -1.52 -25.87 17.24
CA LYS B 441 -1.46 -27.21 16.68
C LYS B 441 -1.47 -27.12 15.17
N ASP B 442 -2.36 -26.29 14.64
CA ASP B 442 -2.48 -26.08 13.20
C ASP B 442 -2.10 -24.67 12.78
N VAL B 443 -1.47 -24.58 11.60
CA VAL B 443 -1.22 -23.30 10.94
C VAL B 443 -2.52 -22.83 10.28
N PRO B 444 -3.03 -21.65 10.67
CA PRO B 444 -4.31 -21.20 10.13
C PRO B 444 -4.15 -20.54 8.76
N LYS B 445 -5.25 -20.48 7.99
CA LYS B 445 -5.21 -19.96 6.63
C LYS B 445 -6.05 -18.71 6.47
N SER B 446 -7.19 -18.67 7.16
CA SER B 446 -8.14 -17.57 7.00
C SER B 446 -8.01 -16.50 8.09
N PHE B 447 -8.73 -15.39 7.86
CA PHE B 447 -8.86 -14.31 8.82
C PHE B 447 -9.57 -14.76 10.10
N GLU B 448 -10.69 -15.47 9.96
CA GLU B 448 -11.45 -15.94 11.13
C GLU B 448 -10.69 -17.02 11.93
N GLU B 449 -9.94 -17.86 11.23
CA GLU B 449 -9.02 -18.81 11.87
C GLU B 449 -7.97 -18.11 12.73
N ARG B 450 -7.39 -17.04 12.19
CA ARG B 450 -6.37 -16.27 12.91
C ARG B 450 -6.98 -15.48 14.06
N LYS B 451 -8.20 -14.98 13.85
CA LYS B 451 -8.94 -14.27 14.88
C LYS B 451 -9.26 -15.18 16.08
N GLU B 452 -9.49 -16.45 15.79
CA GLU B 452 -9.79 -17.44 16.83
C GLU B 452 -8.56 -17.69 17.70
N TYR B 453 -7.40 -17.74 17.05
CA TYR B 453 -6.12 -17.88 17.76
C TYR B 453 -5.85 -16.66 18.64
N PHE B 454 -6.11 -15.47 18.08
CA PHE B 454 -5.94 -14.20 18.78
C PHE B 454 -6.75 -14.14 20.08
N GLU B 455 -8.03 -14.51 20.02
CA GLU B 455 -8.89 -14.45 21.20
C GLU B 455 -8.62 -15.60 22.16
N LYS B 456 -8.13 -16.72 21.65
CA LYS B 456 -7.61 -17.78 22.49
C LYS B 456 -6.42 -17.24 23.27
N ALA B 457 -5.47 -16.62 22.56
CA ALA B 457 -4.30 -16.01 23.18
C ALA B 457 -4.66 -14.96 24.23
N LEU B 458 -5.61 -14.08 23.91
CA LEU B 458 -6.05 -13.03 24.84
C LEU B 458 -6.58 -13.58 26.17
N LYS B 459 -7.31 -14.69 26.08
CA LYS B 459 -7.89 -15.36 27.23
C LYS B 459 -6.78 -15.94 28.14
N ILE B 460 -5.78 -16.57 27.52
CA ILE B 460 -4.59 -17.08 28.18
C ILE B 460 -3.75 -15.94 28.78
N LEU B 461 -3.54 -14.87 28.01
CA LEU B 461 -2.73 -13.74 28.47
C LEU B 461 -3.39 -12.97 29.62
N GLU B 462 -4.72 -12.91 29.60
CA GLU B 462 -5.50 -12.21 30.61
C GLU B 462 -5.46 -12.93 31.96
N ARG B 463 -5.50 -14.26 31.93
CA ARG B 463 -5.42 -15.06 33.16
C ARG B 463 -4.00 -15.09 33.75
N HIS B 464 -2.99 -14.81 32.92
CA HIS B 464 -1.61 -14.66 33.38
C HIS B 464 -1.26 -13.19 33.63
N ASP B 465 -2.26 -12.32 33.54
CA ASP B 465 -2.06 -10.87 33.65
C ASP B 465 -0.87 -10.38 32.81
N PHE B 466 -0.83 -10.82 31.54
CA PHE B 466 0.30 -10.52 30.65
C PHE B 466 -0.14 -9.79 29.37
N SER B 467 -1.42 -9.40 29.31
CA SER B 467 -2.02 -8.74 28.14
C SER B 467 -1.25 -7.55 27.61
N ASP B 468 -0.58 -6.82 28.50
CA ASP B 468 0.07 -5.56 28.16
C ASP B 468 1.52 -5.69 27.72
N ARG B 469 2.01 -6.94 27.59
CA ARG B 469 3.42 -7.19 27.30
C ARG B 469 3.62 -8.00 26.02
N VAL B 470 2.63 -7.89 25.12
CA VAL B 470 2.64 -8.68 23.89
C VAL B 470 2.51 -7.87 22.60
N ILE B 471 3.14 -8.41 21.55
CA ILE B 471 3.01 -7.95 20.16
C ILE B 471 2.42 -9.17 19.47
N PHE B 472 1.46 -9.00 18.57
CA PHE B 472 0.96 -10.16 17.82
C PHE B 472 1.58 -10.29 16.43
N ASP B 473 1.94 -11.52 16.07
CA ASP B 473 2.43 -11.82 14.73
C ASP B 473 1.35 -12.71 14.09
N PRO B 474 0.64 -12.18 13.08
CA PRO B 474 -0.43 -12.95 12.41
C PRO B 474 0.08 -14.16 11.64
N GLY B 475 1.38 -14.22 11.37
CA GLY B 475 2.00 -15.36 10.70
C GLY B 475 1.91 -15.26 9.19
N VAL B 476 2.98 -14.77 8.57
CA VAL B 476 3.04 -14.60 7.13
C VAL B 476 3.57 -15.87 6.48
N LEU B 477 2.79 -16.42 5.56
CA LEU B 477 3.19 -17.60 4.79
C LEU B 477 3.74 -17.17 3.42
N PRO B 478 4.64 -18.00 2.83
CA PRO B 478 5.20 -17.64 1.53
C PRO B 478 4.12 -17.62 0.44
N LEU B 479 4.21 -16.69 -0.50
CA LEU B 479 3.21 -16.58 -1.56
C LEU B 479 3.14 -17.84 -2.43
N GLY B 480 4.31 -18.38 -2.76
CA GLY B 480 4.42 -19.60 -3.57
C GLY B 480 3.95 -20.88 -2.88
N ALA B 481 3.46 -20.75 -1.64
CA ALA B 481 3.01 -21.90 -0.86
C ALA B 481 1.63 -21.67 -0.23
N GLU B 482 0.69 -21.18 -1.04
CA GLU B 482 -0.69 -20.93 -0.60
C GLU B 482 -0.80 -19.92 0.57
N GLY B 483 0.02 -18.87 0.50
CA GLY B 483 0.10 -17.86 1.55
C GLY B 483 -1.17 -17.09 1.88
N LYS B 484 -1.87 -16.63 0.85
CA LYS B 484 -2.98 -15.68 1.02
C LYS B 484 -2.72 -14.49 1.97
N PRO B 485 -1.73 -13.62 1.62
CA PRO B 485 -1.44 -12.40 2.39
C PRO B 485 -2.65 -11.49 2.69
N VAL B 486 -3.73 -11.60 1.92
CA VAL B 486 -4.93 -10.80 2.19
C VAL B 486 -5.53 -11.17 3.55
N GLU B 487 -5.42 -12.45 3.89
CA GLU B 487 -5.91 -12.94 5.17
C GLU B 487 -5.09 -12.35 6.32
N VAL B 488 -3.77 -12.27 6.09
CA VAL B 488 -2.84 -11.63 7.03
C VAL B 488 -3.15 -10.15 7.17
N LEU B 489 -3.40 -9.45 6.06
CA LEU B 489 -3.73 -8.04 6.12
C LEU B 489 -5.01 -7.75 6.89
N LYS B 490 -6.03 -8.60 6.71
CA LYS B 490 -7.29 -8.46 7.45
C LYS B 490 -7.06 -8.62 8.95
N THR B 491 -6.18 -9.56 9.29
CA THR B 491 -5.84 -9.86 10.70
C THR B 491 -5.11 -8.69 11.36
N ILE B 492 -4.16 -8.10 10.62
CA ILE B 492 -3.45 -6.92 11.11
C ILE B 492 -4.43 -5.79 11.45
N GLU B 493 -5.37 -5.55 10.54
CA GLU B 493 -6.32 -4.45 10.70
C GLU B 493 -7.18 -4.70 11.93
N PHE B 494 -7.58 -5.95 12.13
CA PHE B 494 -8.38 -6.33 13.29
C PHE B 494 -7.63 -6.15 14.62
N ILE B 495 -6.44 -6.72 14.69
CA ILE B 495 -5.62 -6.63 15.89
C ILE B 495 -5.34 -5.16 16.23
N SER B 496 -4.93 -4.37 15.22
CA SER B 496 -4.77 -2.92 15.40
C SER B 496 -6.00 -2.24 15.99
N SER B 497 -7.19 -2.59 15.46
CA SER B 497 -8.46 -2.05 15.94
C SER B 497 -8.74 -2.37 17.41
N LYS B 498 -8.11 -3.44 17.91
CA LYS B 498 -8.22 -3.83 19.33
C LYS B 498 -7.13 -3.22 20.23
N GLY B 499 -6.28 -2.35 19.67
CA GLY B 499 -5.26 -1.64 20.43
C GLY B 499 -3.93 -2.36 20.66
N PHE B 500 -3.68 -3.43 19.91
CA PHE B 500 -2.45 -4.22 20.09
C PHE B 500 -1.44 -3.95 18.99
N ASN B 501 -0.16 -3.96 19.37
CA ASN B 501 0.94 -3.89 18.41
C ASN B 501 1.05 -5.17 17.62
N THR B 502 1.57 -5.05 16.41
CA THR B 502 1.73 -6.17 15.50
C THR B 502 3.12 -6.19 14.91
N THR B 503 3.53 -7.36 14.45
CA THR B 503 4.77 -7.52 13.71
C THR B 503 4.58 -8.65 12.71
N VAL B 504 5.51 -8.74 11.76
CA VAL B 504 5.56 -9.87 10.85
C VAL B 504 7.00 -10.19 10.53
N GLY B 505 7.23 -11.44 10.18
CA GLY B 505 8.46 -11.85 9.54
C GLY B 505 8.24 -11.62 8.06
N LEU B 506 8.58 -10.41 7.62
CA LEU B 506 8.34 -9.93 6.26
C LEU B 506 8.95 -10.80 5.18
N SER B 507 10.21 -11.18 5.33
CA SER B 507 10.90 -11.86 4.24
C SER B 507 10.35 -13.27 3.94
N ASN B 508 9.54 -13.83 4.84
CA ASN B 508 8.92 -15.14 4.63
C ASN B 508 7.88 -15.12 3.52
N LEU B 509 7.17 -14.00 3.40
CA LEU B 509 6.23 -13.73 2.30
C LEU B 509 6.77 -14.13 0.90
N SER B 510 8.03 -13.80 0.66
CA SER B 510 8.61 -13.88 -0.69
C SER B 510 9.68 -14.96 -0.80
N PHE B 511 9.64 -15.92 0.13
CA PHE B 511 10.59 -17.02 0.14
C PHE B 511 10.38 -17.90 -1.10
N GLY B 512 11.44 -18.07 -1.88
CA GLY B 512 11.40 -18.91 -3.09
C GLY B 512 11.01 -18.20 -4.37
N LEU B 513 10.44 -16.99 -4.26
CA LEU B 513 10.07 -16.20 -5.43
C LEU B 513 11.26 -15.35 -5.91
N PRO B 514 11.27 -14.94 -7.20
CA PRO B 514 12.22 -13.93 -7.68
C PRO B 514 11.67 -12.54 -7.40
N ASP B 515 12.50 -11.51 -7.54
CA ASP B 515 12.08 -10.13 -7.25
C ASP B 515 11.45 -10.02 -5.86
N ARG B 516 12.06 -10.67 -4.88
CA ARG B 516 11.48 -10.74 -3.55
C ARG B 516 11.36 -9.35 -2.89
N SER B 517 12.33 -8.47 -3.18
CA SER B 517 12.34 -7.09 -2.65
C SER B 517 11.03 -6.36 -2.97
N TYR B 518 10.46 -6.64 -4.14
CA TYR B 518 9.23 -5.99 -4.58
C TYR B 518 7.99 -6.56 -3.93
N TYR B 519 7.97 -7.87 -3.71
CA TYR B 519 6.88 -8.46 -2.92
C TYR B 519 6.92 -8.00 -1.46
N ASN B 520 8.13 -8.02 -0.88
CA ASN B 520 8.33 -7.55 0.51
C ASN B 520 7.87 -6.10 0.67
N THR B 521 8.25 -5.25 -0.28
CA THR B 521 7.88 -3.83 -0.26
C THR B 521 6.37 -3.64 -0.37
N ALA B 522 5.76 -4.26 -1.37
CA ALA B 522 4.33 -4.16 -1.55
C ALA B 522 3.57 -4.58 -0.31
N PHE B 523 3.95 -5.71 0.29
CA PHE B 523 3.25 -6.19 1.48
C PHE B 523 3.44 -5.27 2.67
N LEU B 524 4.67 -4.77 2.86
CA LEU B 524 4.97 -3.84 3.95
C LEU B 524 4.11 -2.58 3.85
N VAL B 525 3.97 -2.04 2.65
CA VAL B 525 3.22 -0.81 2.48
C VAL B 525 1.76 -1.10 2.82
N LEU B 526 1.26 -2.21 2.28
CA LEU B 526 -0.11 -2.64 2.52
C LEU B 526 -0.37 -2.90 4.02
N GLY B 527 0.56 -3.60 4.66
CA GLY B 527 0.46 -3.86 6.11
C GLY B 527 0.41 -2.62 6.97
N ILE B 528 1.31 -1.68 6.70
CA ILE B 528 1.36 -0.40 7.39
C ILE B 528 0.02 0.35 7.22
N SER B 529 -0.56 0.30 6.02
CA SER B 529 -1.84 0.96 5.78
C SER B 529 -2.99 0.39 6.64
N LYS B 530 -2.79 -0.85 7.12
CA LYS B 530 -3.75 -1.57 7.99
C LYS B 530 -3.39 -1.45 9.50
N GLY B 531 -2.27 -0.82 9.83
CA GLY B 531 -1.92 -0.62 11.24
C GLY B 531 -0.69 -1.38 11.71
N LEU B 532 -0.03 -2.10 10.80
CA LEU B 532 1.16 -2.86 11.15
C LEU B 532 2.13 -1.92 11.89
N SER B 533 2.56 -2.30 13.09
CA SER B 533 3.40 -1.39 13.89
C SER B 533 4.90 -1.66 13.88
N SER B 534 5.30 -2.81 13.32
CA SER B 534 6.72 -3.15 13.20
C SER B 534 6.85 -4.28 12.21
N ALA B 535 8.08 -4.57 11.82
CA ALA B 535 8.32 -5.76 11.03
C ALA B 535 9.73 -6.20 11.20
N ILE B 536 9.91 -7.51 11.21
CA ILE B 536 11.23 -8.12 11.13
C ILE B 536 11.53 -8.19 9.64
N MET B 537 12.60 -7.51 9.22
CA MET B 537 12.79 -7.17 7.82
C MET B 537 14.25 -6.85 7.55
N ASN B 538 14.60 -6.72 6.27
CA ASN B 538 15.96 -6.40 5.90
C ASN B 538 16.26 -4.91 5.68
N PRO B 539 16.94 -4.26 6.65
CA PRO B 539 17.24 -2.83 6.49
C PRO B 539 18.29 -2.52 5.41
N LEU B 540 18.91 -3.54 4.85
CA LEU B 540 19.93 -3.32 3.82
C LEU B 540 19.31 -3.27 2.42
N ASP B 541 18.01 -3.57 2.34
CA ASP B 541 17.24 -3.47 1.09
C ASP B 541 16.82 -2.01 0.90
N GLU B 542 17.55 -1.30 0.04
CA GLU B 542 17.34 0.13 -0.18
C GLU B 542 15.94 0.49 -0.68
N THR B 543 15.43 -0.30 -1.64
CA THR B 543 14.07 -0.18 -2.17
C THR B 543 13.04 -0.25 -1.06
N LEU B 544 13.11 -1.32 -0.28
CA LEU B 544 12.24 -1.51 0.86
C LEU B 544 12.29 -0.34 1.82
N MET B 545 13.49 0.07 2.22
CA MET B 545 13.65 1.12 3.23
C MET B 545 13.25 2.49 2.71
N LYS B 546 13.59 2.81 1.46
CA LYS B 546 13.17 4.10 0.87
C LYS B 546 11.65 4.16 0.68
N THR B 547 11.05 3.05 0.26
CA THR B 547 9.61 2.99 0.09
C THR B 547 8.91 3.02 1.44
N LEU B 548 9.55 2.45 2.46
CA LEU B 548 9.02 2.54 3.80
C LEU B 548 8.93 3.98 4.27
N ASN B 549 10.02 4.73 4.11
CA ASN B 549 10.03 6.13 4.48
C ASN B 549 9.00 6.95 3.74
N ALA B 550 8.84 6.68 2.44
CA ALA B 550 7.83 7.37 1.62
C ALA B 550 6.44 7.10 2.16
N THR B 551 6.19 5.84 2.51
CA THR B 551 4.90 5.44 3.05
C THR B 551 4.55 6.22 4.32
N LEU B 552 5.49 6.29 5.26
CA LEU B 552 5.28 7.00 6.52
C LEU B 552 5.08 8.51 6.30
N VAL B 553 5.81 9.07 5.34
CA VAL B 553 5.64 10.48 4.95
C VAL B 553 4.22 10.72 4.39
N ILE B 554 3.82 9.90 3.42
CA ILE B 554 2.49 10.00 2.81
C ILE B 554 1.38 9.87 3.84
N LEU B 555 1.55 8.96 4.79
CA LEU B 555 0.49 8.68 5.76
C LEU B 555 0.57 9.61 6.98
N GLU B 556 1.44 10.60 6.89
CA GLU B 556 1.57 11.64 7.92
C GLU B 556 2.04 11.08 9.26
N LYS B 557 2.87 10.04 9.21
CA LYS B 557 3.48 9.48 10.41
C LYS B 557 4.85 10.12 10.63
N LYS B 558 5.37 10.76 9.59
CA LYS B 558 6.62 11.51 9.67
C LYS B 558 6.77 12.59 8.61
N GLU B 559 7.63 13.56 8.88
CA GLU B 559 7.80 14.70 7.99
C GLU B 559 8.70 14.35 6.81
N LEU B 560 8.66 15.20 5.78
CA LEU B 560 9.44 15.02 4.55
C LEU B 560 10.95 14.90 4.78
ZN ZN C . -20.52 -9.35 -49.84
K K D . -28.10 -7.56 -49.83
Y YT3 E . -26.16 24.34 -21.40
N HCS F . -24.15 -5.05 -51.85
CA HCS F . -22.89 -5.63 -52.34
CB HCS F . -22.10 -6.30 -51.21
CG HCS F . -20.64 -6.61 -51.66
SD HCS F . -19.70 -7.20 -50.28
C HCS F . -23.28 -6.65 -53.39
OXT HCS F . -24.36 -7.25 -53.25
O HCS F . -22.53 -6.87 -54.36
ZN ZN G . 26.82 9.13 47.47
K K H . 21.82 7.82 53.23
N HCS I . 25.55 5.02 51.62
CA HCS I . 26.84 5.44 51.05
CB HCS I . 26.61 6.01 49.64
CG HCS I . 27.88 6.36 48.86
SD HCS I . 27.42 6.92 47.18
C HCS I . 27.47 6.43 51.99
OXT HCS I . 26.69 7.09 52.73
O HCS I . 28.72 6.57 52.01
#